data_1LNL
#
_entry.id   1LNL
#
_cell.length_a   105.486
_cell.length_b   105.486
_cell.length_c   374.988
_cell.angle_alpha   90.00
_cell.angle_beta   90.00
_cell.angle_gamma   90.00
#
_symmetry.space_group_name_H-M   'P 43 21 2'
#
loop_
_entity.id
_entity.type
_entity.pdbx_description
1 polymer hemocyanin
2 non-polymer 2-acetamido-2-deoxy-beta-D-glucopyranose
3 non-polymer 'COPPER (II) ION'
#
_entity_poly.entity_id   1
_entity_poly.type   'polypeptide(L)'
_entity_poly.pdbx_seq_one_letter_code
;GHRNLVRKSVRNLSPAERASLVAALKSLQEDSSADGFQSLASFHAQPPLCPAPAANKAFACCVHGMATFPEWHRLYTVQF
EDALRRHGSVVGIPYWDTVVPQEDLPAFFNDEIWDDALFHANFTNPFNGADIDFNHQKIARDINVDKLAKEGPKGYDTWS
FKQYIYALEQEDYCDFEVQFEIAHNAIHAWVGGTEEYSMGHLHYASYDPVFILHHSNTDRLFALWQELQKFRGHDPNEVN
CALEMMREPLKPFSFGAPYNLNPTTKEHSKPEDTFDYKGHFHYEYDHLELQGMNVQRLHDYINQQKEADRVFAGFLLEGI
GTSAHLDFSICAIDGECTHAGYFDVLGGSLETPWQFDRLYKYEITDVLESKGLDVHDVFDIKITQTSWDNEDISTDRFPP
PSVIYVPK
;
_entity_poly.pdbx_strand_id   A,B,C
#
loop_
_chem_comp.id
_chem_comp.type
_chem_comp.name
_chem_comp.formula
CU non-polymer 'COPPER (II) ION' 'Cu 2'
NAG D-saccharide, beta linking 2-acetamido-2-deoxy-beta-D-glucopyranose 'C8 H15 N O6'
#
# COMPACT_ATOMS: atom_id res chain seq x y z
N GLY A 1 -26.74 32.76 43.58
CA GLY A 1 -25.64 32.10 42.76
C GLY A 1 -25.51 30.63 43.16
N HIS A 2 -25.01 30.37 44.38
CA HIS A 2 -24.67 29.02 44.79
C HIS A 2 -24.63 27.95 43.69
N ARG A 3 -25.77 27.61 43.12
CA ARG A 3 -25.74 26.51 42.18
C ARG A 3 -26.52 26.78 40.93
N ASN A 4 -24.92 31.55 40.20
CA ASN A 4 -24.14 31.20 38.95
C ASN A 4 -23.38 32.29 38.12
N LEU A 5 -22.22 31.88 37.60
CA LEU A 5 -21.26 32.75 36.92
C LEU A 5 -22.01 33.46 35.89
N VAL A 6 -21.46 34.57 35.36
CA VAL A 6 -22.13 35.43 34.37
C VAL A 6 -21.23 35.93 33.28
N ARG A 7 -21.68 35.89 32.05
CA ARG A 7 -20.78 36.21 30.99
C ARG A 7 -21.20 37.48 30.39
N LYS A 8 -20.29 38.48 30.34
CA LYS A 8 -20.48 39.79 29.71
C LYS A 8 -19.61 40.08 28.46
N SER A 9 -19.85 41.15 27.75
CA SER A 9 -18.98 41.37 26.59
C SER A 9 -17.61 41.92 27.03
N VAL A 10 -16.58 41.65 26.25
CA VAL A 10 -15.29 42.07 26.72
C VAL A 10 -15.30 43.51 26.85
N ARG A 11 -16.27 44.14 26.23
CA ARG A 11 -16.32 45.61 26.21
C ARG A 11 -17.23 46.28 27.32
N ASN A 12 -17.55 45.54 28.35
CA ASN A 12 -18.39 46.11 29.36
C ASN A 12 -17.70 45.63 30.59
N LEU A 13 -16.49 45.17 30.36
CA LEU A 13 -15.74 44.56 31.45
C LEU A 13 -15.11 45.58 32.30
N SER A 14 -15.74 45.87 33.44
CA SER A 14 -15.15 46.82 34.37
C SER A 14 -13.70 46.32 34.79
N PRO A 15 -12.76 47.27 35.00
CA PRO A 15 -11.40 46.91 35.37
C PRO A 15 -11.56 45.93 36.50
N ALA A 16 -12.60 46.21 37.26
CA ALA A 16 -12.86 45.25 38.29
C ALA A 16 -12.84 43.81 37.65
N GLU A 17 -13.76 43.51 36.73
CA GLU A 17 -13.90 42.20 36.20
C GLU A 17 -12.59 41.71 35.55
N ARG A 18 -12.15 42.48 34.59
CA ARG A 18 -11.03 42.05 33.80
C ARG A 18 -9.77 41.89 34.60
N ALA A 19 -9.74 42.46 35.78
CA ALA A 19 -8.59 42.26 36.58
C ALA A 19 -8.60 40.81 37.01
N SER A 20 -9.78 40.32 37.39
CA SER A 20 -9.86 38.96 37.90
C SER A 20 -9.34 38.04 36.83
N LEU A 21 -9.80 38.38 35.63
CA LEU A 21 -9.49 37.64 34.46
C LEU A 21 -8.05 37.69 34.04
N VAL A 22 -7.40 38.75 34.38
CA VAL A 22 -6.05 38.82 33.89
C VAL A 22 -5.15 38.00 34.69
N ALA A 23 -5.47 37.90 35.94
CA ALA A 23 -4.54 37.23 36.80
C ALA A 23 -4.93 35.77 36.82
N ALA A 24 -6.19 35.52 36.48
CA ALA A 24 -6.70 34.16 36.38
C ALA A 24 -5.94 33.27 35.37
N LEU A 25 -6.11 33.61 34.12
CA LEU A 25 -5.47 32.81 33.09
C LEU A 25 -4.03 32.89 33.27
N LYS A 26 -3.54 34.02 33.73
CA LYS A 26 -2.11 34.14 34.00
C LYS A 26 -1.59 33.00 34.87
N SER A 27 -2.34 32.75 35.96
CA SER A 27 -2.17 31.63 36.87
C SER A 27 -2.47 30.37 36.14
N LEU A 28 -3.58 30.36 35.39
CA LEU A 28 -3.92 29.17 34.61
C LEU A 28 -2.76 28.81 33.73
N GLN A 29 -2.14 29.83 33.09
CA GLN A 29 -1.17 29.55 32.07
C GLN A 29 -0.04 28.91 32.72
N GLU A 30 -0.01 28.97 34.02
CA GLU A 30 1.02 28.28 34.71
C GLU A 30 0.64 27.04 35.44
N ASP A 31 -0.54 26.52 35.19
CA ASP A 31 -1.02 25.32 35.81
C ASP A 31 -0.58 24.11 35.00
N SER A 32 0.37 23.34 35.51
CA SER A 32 0.93 22.24 34.74
C SER A 32 0.10 21.01 34.88
N SER A 33 -1.03 21.12 35.55
CA SER A 33 -1.87 19.98 35.78
C SER A 33 -2.70 19.62 34.53
N ALA A 34 -3.24 18.42 34.52
CA ALA A 34 -4.08 17.95 33.47
C ALA A 34 -5.28 18.89 33.19
N ASP A 35 -5.50 19.88 34.04
CA ASP A 35 -6.63 20.79 33.78
C ASP A 35 -6.14 22.18 33.82
N GLY A 36 -4.88 22.30 33.46
CA GLY A 36 -4.26 23.58 33.31
C GLY A 36 -4.11 23.91 31.84
N PHE A 37 -4.38 25.14 31.52
CA PHE A 37 -4.15 25.59 30.14
C PHE A 37 -3.57 24.63 29.05
N GLN A 38 -2.24 24.60 28.93
CA GLN A 38 -1.66 23.75 27.90
C GLN A 38 -2.46 22.47 27.71
N SER A 39 -2.71 21.81 28.85
CA SER A 39 -3.44 20.59 28.77
C SER A 39 -4.77 20.87 28.15
N LEU A 40 -5.49 21.77 28.83
CA LEU A 40 -6.83 22.02 28.50
C LEU A 40 -6.87 22.60 27.15
N ALA A 41 -5.90 22.30 26.26
CA ALA A 41 -5.89 22.94 24.93
C ALA A 41 -5.99 21.84 23.93
N SER A 42 -5.21 20.77 24.08
CA SER A 42 -5.29 19.72 23.05
C SER A 42 -6.68 19.10 22.98
N PHE A 43 -7.42 19.28 24.07
CA PHE A 43 -8.73 18.75 24.10
C PHE A 43 -9.31 19.07 22.73
N HIS A 44 -8.98 20.26 22.15
CA HIS A 44 -9.53 20.64 20.83
C HIS A 44 -9.02 19.83 19.65
N ALA A 45 -7.77 20.11 19.33
CA ALA A 45 -7.03 19.46 18.25
C ALA A 45 -5.66 18.84 18.63
N GLN A 46 -4.58 19.41 18.16
CA GLN A 46 -3.24 18.86 18.39
C GLN A 46 -2.71 19.19 19.77
N PRO A 47 -2.07 18.27 20.44
CA PRO A 47 -1.85 16.93 19.95
C PRO A 47 -3.14 16.13 20.07
N PRO A 48 -3.39 15.21 19.16
CA PRO A 48 -4.58 14.35 19.07
C PRO A 48 -4.80 13.64 20.29
N LEU A 49 -6.04 13.44 20.67
CA LEU A 49 -6.30 12.76 21.89
C LEU A 49 -7.65 12.11 21.68
N CYS A 50 -8.06 11.73 20.46
CA CYS A 50 -9.40 11.34 20.44
C CYS A 50 -9.94 10.02 20.37
N PRO A 51 -9.50 9.18 19.55
CA PRO A 51 -10.15 7.86 19.62
C PRO A 51 -10.02 7.57 21.15
N ALA A 52 -8.82 7.92 21.64
CA ALA A 52 -8.29 7.53 22.97
C ALA A 52 -6.81 7.99 23.01
N PRO A 53 -6.32 8.59 24.06
CA PRO A 53 -4.90 9.07 24.04
C PRO A 53 -3.92 7.93 23.75
N ALA A 54 -4.39 6.74 23.97
CA ALA A 54 -3.52 5.66 23.83
C ALA A 54 -3.55 5.08 22.40
N ALA A 55 -4.61 5.27 21.63
CA ALA A 55 -4.64 4.72 20.26
C ALA A 55 -3.50 5.02 19.33
N ASN A 56 -3.38 4.22 18.27
CA ASN A 56 -2.34 4.36 17.26
C ASN A 56 -2.61 5.45 16.23
N LYS A 57 -3.51 5.28 15.27
CA LYS A 57 -3.83 6.42 14.40
C LYS A 57 -4.82 7.32 15.17
N ALA A 58 -4.43 8.56 15.51
CA ALA A 58 -5.25 9.50 16.30
C ALA A 58 -5.76 10.67 15.49
N PHE A 59 -6.98 11.07 15.76
CA PHE A 59 -7.58 12.15 15.00
C PHE A 59 -7.66 13.30 15.96
N ALA A 60 -8.27 14.40 15.56
CA ALA A 60 -8.45 15.56 16.47
C ALA A 60 -9.30 15.18 17.63
N CYS A 61 -10.42 15.84 17.82
CA CYS A 61 -11.07 15.40 18.97
C CYS A 61 -12.26 16.23 19.24
N CYS A 62 -12.42 17.22 18.38
CA CYS A 62 -13.52 18.18 18.39
C CYS A 62 -14.57 17.95 17.18
N VAL A 63 -15.82 17.91 17.61
CA VAL A 63 -16.94 17.68 16.68
C VAL A 63 -17.10 18.90 15.77
N HIS A 64 -16.88 18.62 14.47
CA HIS A 64 -16.88 19.54 13.32
C HIS A 64 -17.70 18.97 12.09
N GLY A 65 -18.53 19.83 11.51
CA GLY A 65 -19.47 19.44 10.48
C GLY A 65 -20.37 18.45 11.06
N MET A 66 -20.83 18.64 12.25
CA MET A 66 -21.65 17.59 12.82
C MET A 66 -22.54 18.22 13.88
N ALA A 67 -23.80 17.85 13.80
CA ALA A 67 -24.84 18.37 14.66
C ALA A 67 -24.46 18.51 16.11
N THR A 68 -23.46 17.76 16.56
CA THR A 68 -23.08 17.81 17.94
C THR A 68 -22.03 18.80 18.12
N PHE A 69 -21.61 19.52 17.07
CA PHE A 69 -20.61 20.61 17.15
C PHE A 69 -20.87 21.59 18.16
N PRO A 70 -21.92 22.34 18.14
CA PRO A 70 -22.09 23.34 19.20
C PRO A 70 -22.05 22.75 20.56
N GLU A 71 -22.75 21.67 20.81
CA GLU A 71 -22.67 21.27 22.18
C GLU A 71 -21.24 21.02 22.66
N TRP A 72 -20.36 20.55 21.80
CA TRP A 72 -19.00 20.19 22.17
C TRP A 72 -18.28 21.44 22.41
N HIS A 73 -18.09 22.26 21.40
CA HIS A 73 -17.51 23.54 21.65
C HIS A 73 -18.24 24.25 22.86
N ARG A 74 -19.45 23.86 23.24
CA ARG A 74 -20.03 24.62 24.32
C ARG A 74 -19.52 23.98 25.50
N LEU A 75 -19.44 22.71 25.46
CA LEU A 75 -18.95 22.06 26.67
C LEU A 75 -17.48 22.50 26.96
N TYR A 76 -16.86 23.10 25.97
CA TYR A 76 -15.47 23.31 26.08
C TYR A 76 -15.25 24.55 26.81
N THR A 77 -16.03 25.57 26.52
CA THR A 77 -15.76 26.80 27.21
C THR A 77 -16.02 26.57 28.68
N VAL A 78 -16.99 25.70 28.98
CA VAL A 78 -17.27 25.47 30.40
C VAL A 78 -15.98 24.96 31.06
N GLN A 79 -15.15 24.30 30.26
CA GLN A 79 -14.08 23.57 30.80
C GLN A 79 -13.12 24.62 31.21
N PHE A 80 -12.99 25.62 30.33
CA PHE A 80 -12.07 26.81 30.61
C PHE A 80 -12.60 27.68 31.78
N GLU A 81 -13.88 28.01 31.67
CA GLU A 81 -14.49 28.84 32.62
C GLU A 81 -14.27 28.15 33.96
N ASP A 82 -14.32 26.83 33.99
CA ASP A 82 -14.25 26.29 35.31
C ASP A 82 -12.83 26.40 35.76
N ALA A 83 -11.84 26.43 34.85
CA ALA A 83 -10.41 26.50 35.35
C ALA A 83 -10.15 27.89 35.83
N LEU A 84 -10.56 28.88 35.05
CA LEU A 84 -10.36 30.18 35.60
C LEU A 84 -11.01 30.20 36.98
N ARG A 85 -12.21 29.68 37.11
CA ARG A 85 -12.79 29.75 38.46
C ARG A 85 -11.79 29.18 39.47
N ARG A 86 -11.32 27.98 39.22
CA ARG A 86 -10.45 27.30 40.11
C ARG A 86 -9.27 28.20 40.24
N HIS A 87 -9.24 29.23 39.46
CA HIS A 87 -8.06 30.09 39.61
C HIS A 87 -8.41 31.58 39.89
N GLY A 88 -9.28 31.81 40.85
CA GLY A 88 -9.60 33.13 41.29
C GLY A 88 -10.30 33.97 40.29
N SER A 89 -11.14 33.40 39.44
CA SER A 89 -12.00 34.27 38.66
C SER A 89 -13.33 34.55 39.32
N VAL A 90 -13.98 35.53 38.82
CA VAL A 90 -15.12 35.94 39.55
C VAL A 90 -16.12 36.24 38.50
N VAL A 91 -15.76 35.91 37.26
CA VAL A 91 -16.64 36.12 36.13
C VAL A 91 -16.55 35.08 35.05
N GLY A 92 -17.45 35.15 34.12
CA GLY A 92 -17.44 34.14 33.14
C GLY A 92 -16.62 34.61 32.02
N ILE A 93 -16.23 33.65 31.22
CA ILE A 93 -15.52 33.87 30.03
C ILE A 93 -16.24 34.89 29.09
N PRO A 94 -15.65 36.06 28.93
CA PRO A 94 -16.34 37.10 28.17
C PRO A 94 -16.48 36.73 26.61
N TYR A 95 -17.51 37.25 25.87
CA TYR A 95 -17.62 36.96 24.42
C TYR A 95 -17.14 38.14 23.69
N TRP A 96 -16.41 37.95 22.61
CA TRP A 96 -15.98 39.05 21.73
C TRP A 96 -16.98 39.19 20.60
N ASP A 97 -18.13 39.83 20.83
CA ASP A 97 -19.15 39.97 19.76
C ASP A 97 -18.52 40.40 18.46
N THR A 98 -18.53 39.58 17.39
CA THR A 98 -17.89 40.08 16.17
C THR A 98 -19.02 40.40 15.27
N VAL A 99 -20.21 40.15 15.75
CA VAL A 99 -21.40 40.53 14.98
C VAL A 99 -21.34 42.02 14.55
N VAL A 100 -21.48 42.95 15.48
CA VAL A 100 -21.34 44.36 15.17
C VAL A 100 -19.97 44.77 14.61
N PRO A 101 -19.94 45.69 13.68
CA PRO A 101 -18.69 46.06 13.01
C PRO A 101 -17.71 46.55 14.01
N GLN A 102 -16.56 45.90 14.10
CA GLN A 102 -15.52 46.28 15.07
C GLN A 102 -14.60 47.50 14.73
N GLU A 103 -14.78 48.54 15.54
CA GLU A 103 -14.03 49.75 15.31
C GLU A 103 -12.53 49.50 15.39
N ASP A 104 -12.11 48.60 16.31
CA ASP A 104 -10.70 48.26 16.57
C ASP A 104 -10.81 46.98 17.33
N LEU A 105 -9.66 46.35 17.58
CA LEU A 105 -9.60 45.08 18.26
C LEU A 105 -9.44 45.30 19.74
N PRO A 106 -10.42 44.90 20.51
CA PRO A 106 -10.48 45.16 21.94
C PRO A 106 -9.14 45.10 22.71
N ALA A 107 -9.07 45.97 23.70
CA ALA A 107 -7.96 46.03 24.61
C ALA A 107 -7.72 44.68 25.36
N PHE A 108 -8.69 44.32 26.21
CA PHE A 108 -8.69 43.12 27.01
C PHE A 108 -7.72 42.16 26.44
N PHE A 109 -7.75 41.97 25.11
CA PHE A 109 -6.87 40.99 24.47
C PHE A 109 -5.94 41.49 23.39
N ASN A 110 -5.91 42.80 23.21
CA ASN A 110 -5.01 43.29 22.19
C ASN A 110 -3.59 43.72 22.65
N ASP A 111 -3.55 44.49 23.72
CA ASP A 111 -2.27 44.99 24.14
C ASP A 111 -1.61 43.86 24.83
N GLU A 112 -0.30 43.91 24.90
CA GLU A 112 0.36 42.76 25.42
C GLU A 112 1.12 43.22 26.64
N ILE A 113 0.53 44.17 27.37
CA ILE A 113 1.15 44.59 28.65
C ILE A 113 0.09 44.90 29.75
N TRP A 114 -0.01 44.07 30.77
CA TRP A 114 -1.04 44.36 31.78
C TRP A 114 -0.23 45.03 32.79
N ASP A 115 -0.41 46.33 32.95
CA ASP A 115 0.32 47.09 33.92
C ASP A 115 -0.55 47.04 35.15
N ASP A 116 -1.33 48.09 35.24
CA ASP A 116 -2.38 48.30 36.25
C ASP A 116 -2.36 47.96 37.76
N ALA A 117 -3.09 48.86 38.41
CA ALA A 117 -3.44 48.99 39.83
C ALA A 117 -3.20 47.80 40.77
N LEU A 118 -3.06 48.19 42.05
CA LEU A 118 -2.93 47.30 43.20
C LEU A 118 -1.53 46.76 43.42
N PHE A 119 -1.05 45.93 42.51
CA PHE A 119 0.27 45.35 42.60
C PHE A 119 1.31 46.35 42.04
N HIS A 120 0.85 47.40 41.34
CA HIS A 120 1.77 48.29 40.58
C HIS A 120 2.71 47.42 39.67
N ALA A 121 2.14 46.46 38.96
CA ALA A 121 2.92 45.54 38.18
C ALA A 121 3.12 46.08 36.83
N ASN A 122 3.50 45.19 35.92
CA ASN A 122 3.77 45.54 34.53
C ASN A 122 4.22 44.26 33.94
N PHE A 123 3.33 43.44 33.39
CA PHE A 123 3.73 42.18 32.73
C PHE A 123 2.86 41.78 31.58
N THR A 124 3.32 40.82 30.83
CA THR A 124 2.52 40.39 29.69
C THR A 124 1.01 40.05 29.85
N ASN A 125 0.24 40.43 28.82
CA ASN A 125 -1.21 40.19 28.79
C ASN A 125 -1.52 38.75 28.54
N PRO A 126 -1.83 38.05 29.60
CA PRO A 126 -2.02 36.63 29.43
C PRO A 126 -3.04 36.41 28.37
N PHE A 127 -4.05 37.25 28.33
CA PHE A 127 -5.15 37.11 27.40
C PHE A 127 -4.76 37.72 26.06
N ASN A 128 -3.50 37.66 25.63
CA ASN A 128 -3.07 38.24 24.35
C ASN A 128 -2.28 37.20 23.69
N GLY A 129 -2.25 36.04 24.28
CA GLY A 129 -1.49 35.01 23.63
C GLY A 129 -0.77 34.04 24.54
N ALA A 130 -0.66 32.76 24.13
CA ALA A 130 0.07 31.85 25.00
C ALA A 130 1.07 31.30 24.06
N ASP A 131 1.52 30.05 24.24
CA ASP A 131 2.47 29.52 23.28
C ASP A 131 2.36 28.08 23.29
N ILE A 132 2.54 27.46 22.13
CA ILE A 132 2.36 26.05 22.01
C ILE A 132 3.59 25.42 22.55
N ASP A 133 3.43 24.54 23.55
CA ASP A 133 4.61 23.93 24.11
C ASP A 133 5.09 22.70 23.42
N PHE A 134 4.23 21.72 23.28
CA PHE A 134 4.71 20.45 22.75
C PHE A 134 5.47 20.65 21.46
N ASN A 135 5.09 21.75 20.79
CA ASN A 135 5.52 22.03 19.41
C ASN A 135 6.66 22.92 19.37
N HIS A 136 7.04 23.36 20.58
CA HIS A 136 8.18 24.27 20.82
C HIS A 136 7.98 25.56 20.11
N GLN A 137 6.77 25.79 19.61
CA GLN A 137 6.42 26.95 18.78
C GLN A 137 5.69 27.97 19.62
N LYS A 138 4.93 28.90 19.05
CA LYS A 138 4.34 29.94 19.87
C LYS A 138 3.18 30.48 19.15
N ILE A 139 2.11 30.86 19.82
CA ILE A 139 1.00 31.34 19.01
C ILE A 139 1.18 32.64 18.20
N ALA A 140 0.31 32.83 17.22
CA ALA A 140 0.33 33.94 16.29
C ALA A 140 -1.09 34.45 15.89
N ARG A 141 -1.09 35.62 15.26
CA ARG A 141 -2.28 36.31 14.79
C ARG A 141 -1.90 37.11 13.58
N ASP A 142 -2.79 37.11 12.59
CA ASP A 142 -2.54 37.84 11.40
C ASP A 142 -3.86 38.22 10.90
N ILE A 143 -4.34 39.39 11.30
CA ILE A 143 -5.63 39.85 10.75
C ILE A 143 -5.55 40.55 9.40
N ASN A 144 -5.18 39.77 8.36
CA ASN A 144 -5.08 40.24 6.96
C ASN A 144 -6.49 40.80 6.45
N VAL A 145 -7.58 40.34 7.15
CA VAL A 145 -8.85 41.03 7.06
C VAL A 145 -9.12 41.68 8.43
N ASP A 146 -8.95 43.03 8.48
CA ASP A 146 -9.34 43.85 9.66
C ASP A 146 -10.35 44.81 9.06
N LYS A 147 -10.56 44.63 7.77
CA LYS A 147 -11.55 45.44 7.09
C LYS A 147 -12.90 44.82 7.44
N LEU A 148 -12.78 43.77 8.28
CA LEU A 148 -13.83 43.12 9.05
C LEU A 148 -14.43 44.24 9.95
N ALA A 149 -13.69 45.37 9.97
CA ALA A 149 -13.95 46.52 10.78
C ALA A 149 -14.91 47.33 10.04
N LYS A 150 -16.23 46.96 10.10
CA LYS A 150 -17.38 47.72 9.50
C LYS A 150 -17.57 47.84 7.94
N GLU A 151 -18.42 46.96 7.48
CA GLU A 151 -18.85 47.01 6.12
C GLU A 151 -20.41 47.07 6.35
N GLY A 152 -21.24 47.44 5.35
CA GLY A 152 -22.67 47.31 5.62
C GLY A 152 -23.58 48.20 4.85
N PRO A 153 -24.14 47.64 3.80
CA PRO A 153 -24.89 48.41 2.82
C PRO A 153 -25.82 49.43 3.49
N LYS A 154 -26.67 48.90 4.37
CA LYS A 154 -27.60 49.73 5.12
C LYS A 154 -27.19 49.84 6.61
N GLY A 155 -25.89 49.81 6.92
CA GLY A 155 -25.44 49.99 8.30
C GLY A 155 -25.28 48.72 9.10
N TYR A 156 -26.20 48.41 10.01
CA TYR A 156 -26.03 47.19 10.87
C TYR A 156 -26.36 45.87 10.20
N ASP A 157 -26.41 45.90 8.89
CA ASP A 157 -26.77 44.66 8.26
C ASP A 157 -25.49 44.10 7.71
N THR A 158 -24.64 43.57 8.58
CA THR A 158 -23.31 43.09 8.14
C THR A 158 -23.19 41.61 7.92
N TRP A 159 -22.10 41.19 7.32
CA TRP A 159 -21.85 39.78 7.02
C TRP A 159 -22.28 38.86 8.14
N SER A 160 -21.35 38.39 8.93
CA SER A 160 -21.74 37.61 10.08
C SER A 160 -23.18 37.91 10.57
N PHE A 161 -23.69 39.17 10.51
CA PHE A 161 -25.11 39.43 10.91
C PHE A 161 -25.98 38.67 9.95
N LYS A 162 -25.81 38.99 8.65
CA LYS A 162 -26.50 38.34 7.56
C LYS A 162 -26.45 36.87 7.88
N GLN A 163 -25.25 36.41 8.18
CA GLN A 163 -25.07 35.03 8.44
C GLN A 163 -25.77 34.64 9.68
N TYR A 164 -25.25 35.07 10.83
CA TYR A 164 -25.85 34.57 12.05
C TYR A 164 -27.36 34.75 12.10
N ILE A 165 -27.85 35.78 11.44
CA ILE A 165 -29.25 36.00 11.52
C ILE A 165 -30.02 34.91 10.71
N TYR A 166 -29.62 34.65 9.46
CA TYR A 166 -30.33 33.59 8.74
C TYR A 166 -30.45 32.33 9.66
N ALA A 167 -29.31 31.83 10.02
CA ALA A 167 -29.26 30.76 10.92
C ALA A 167 -30.36 30.85 12.01
N LEU A 168 -30.52 32.01 12.56
CA LEU A 168 -31.53 32.06 13.56
C LEU A 168 -32.88 31.83 12.95
N GLU A 169 -33.10 32.28 11.69
CA GLU A 169 -34.42 32.06 11.06
C GLU A 169 -34.43 30.63 10.78
N GLN A 170 -34.55 29.73 11.75
CA GLN A 170 -34.50 28.31 11.40
C GLN A 170 -34.90 27.56 12.62
N GLU A 171 -35.86 26.68 12.55
CA GLU A 171 -36.22 26.07 13.82
C GLU A 171 -35.83 24.61 13.77
N ASP A 172 -35.11 24.21 12.71
CA ASP A 172 -34.76 22.78 12.58
C ASP A 172 -33.32 22.54 12.97
N TYR A 173 -33.03 22.87 14.23
CA TYR A 173 -31.71 22.73 14.79
C TYR A 173 -30.69 22.27 13.72
N CYS A 174 -30.78 21.04 13.27
CA CYS A 174 -29.76 20.72 12.26
C CYS A 174 -29.66 21.75 11.14
N ASP A 175 -30.75 22.42 10.91
CA ASP A 175 -30.75 23.32 9.81
C ASP A 175 -29.98 24.55 10.24
N PHE A 176 -30.12 24.80 11.52
CA PHE A 176 -29.53 26.00 12.07
C PHE A 176 -28.11 25.80 12.36
N GLU A 177 -27.69 24.56 12.43
CA GLU A 177 -26.34 24.37 12.80
C GLU A 177 -25.55 24.45 11.57
N VAL A 178 -26.13 24.06 10.48
CA VAL A 178 -25.19 23.88 9.43
C VAL A 178 -24.82 25.33 9.01
N GLN A 179 -25.49 26.29 9.64
CA GLN A 179 -25.35 27.70 9.30
C GLN A 179 -24.68 28.39 10.50
N PHE A 180 -25.27 28.27 11.68
CA PHE A 180 -24.53 28.59 12.88
C PHE A 180 -22.99 28.18 12.94
N GLU A 181 -22.58 27.11 12.26
CA GLU A 181 -21.17 26.71 12.28
C GLU A 181 -20.32 27.42 11.24
N ILE A 182 -20.79 27.49 10.05
CA ILE A 182 -20.06 28.25 9.06
C ILE A 182 -19.81 29.65 9.62
N ALA A 183 -20.84 30.27 10.19
CA ALA A 183 -20.60 31.61 10.83
C ALA A 183 -19.38 31.59 11.75
N HIS A 184 -19.54 30.88 12.87
CA HIS A 184 -18.43 30.60 13.73
C HIS A 184 -17.18 30.46 12.92
N ASN A 185 -17.13 29.69 11.86
CA ASN A 185 -15.84 29.64 11.17
C ASN A 185 -15.07 30.94 10.82
N ALA A 186 -15.76 32.06 10.85
CA ALA A 186 -15.17 33.27 10.25
C ALA A 186 -14.01 33.82 10.99
N ILE A 187 -14.24 34.11 12.24
CA ILE A 187 -13.13 34.58 13.06
C ILE A 187 -11.94 33.59 13.03
N HIS A 188 -12.24 32.31 13.17
CA HIS A 188 -11.18 31.36 13.17
C HIS A 188 -10.24 31.87 12.13
N ALA A 189 -10.74 32.40 11.01
CA ALA A 189 -9.84 32.86 9.95
C ALA A 189 -9.47 34.33 10.10
N TRP A 190 -10.42 35.14 10.62
CA TRP A 190 -10.23 36.60 10.64
C TRP A 190 -9.08 36.96 11.50
N VAL A 191 -8.70 36.00 12.36
CA VAL A 191 -7.62 36.25 13.32
C VAL A 191 -6.22 35.57 12.94
N GLY A 192 -6.23 34.24 12.77
CA GLY A 192 -5.05 33.47 12.41
C GLY A 192 -4.58 33.83 11.07
N GLY A 193 -5.48 34.34 10.26
CA GLY A 193 -5.09 34.76 8.93
C GLY A 193 -4.29 33.74 8.15
N THR A 194 -3.00 33.67 8.31
CA THR A 194 -2.33 32.66 7.54
C THR A 194 -1.24 31.98 8.37
N GLU A 195 -1.14 32.39 9.62
CA GLU A 195 -0.18 31.76 10.49
C GLU A 195 -0.47 30.25 10.76
N GLU A 196 0.43 29.42 10.20
CA GLU A 196 0.39 27.98 10.38
C GLU A 196 0.12 27.75 11.84
N TYR A 197 0.30 28.75 12.67
CA TYR A 197 0.13 28.49 14.08
C TYR A 197 -0.81 29.47 14.73
N SER A 198 -2.11 29.24 14.61
CA SER A 198 -3.04 30.24 15.14
C SER A 198 -4.49 29.91 15.00
N MET A 199 -5.32 30.88 15.37
CA MET A 199 -6.73 30.69 15.27
C MET A 199 -7.15 30.25 13.94
N GLY A 200 -6.25 30.10 12.97
CA GLY A 200 -6.80 29.62 11.73
C GLY A 200 -6.32 28.23 11.40
N HIS A 201 -6.08 27.37 12.39
CA HIS A 201 -5.58 26.04 12.01
C HIS A 201 -6.03 24.90 12.94
N LEU A 202 -7.07 24.25 12.51
CA LEU A 202 -7.71 23.28 13.32
C LEU A 202 -6.78 22.90 14.47
N HIS A 203 -5.55 22.54 14.17
CA HIS A 203 -4.69 22.09 15.23
C HIS A 203 -4.36 23.12 16.31
N TYR A 204 -3.54 24.11 16.07
CA TYR A 204 -3.10 24.99 17.21
C TYR A 204 -4.10 26.13 17.70
N ALA A 205 -5.14 26.21 16.93
CA ALA A 205 -6.05 27.28 17.10
C ALA A 205 -6.68 27.29 18.41
N SER A 206 -6.41 26.27 19.21
CA SER A 206 -7.05 26.28 20.54
C SER A 206 -6.12 26.82 21.49
N TYR A 207 -4.99 27.32 21.06
CA TYR A 207 -4.10 27.76 22.08
C TYR A 207 -4.14 29.22 22.28
N ASP A 208 -4.65 29.97 21.35
CA ASP A 208 -4.69 31.40 21.52
C ASP A 208 -5.90 31.70 22.27
N PRO A 209 -5.80 32.56 23.24
CA PRO A 209 -6.87 32.85 24.14
C PRO A 209 -8.11 33.44 23.52
N VAL A 210 -8.07 34.02 22.35
CA VAL A 210 -9.38 34.52 21.80
C VAL A 210 -10.43 33.38 21.57
N PHE A 211 -9.84 32.23 21.35
CA PHE A 211 -10.55 31.08 21.13
C PHE A 211 -11.69 31.11 22.03
N ILE A 212 -11.34 31.08 23.30
CA ILE A 212 -12.35 31.12 24.32
C ILE A 212 -13.29 32.31 24.18
N LEU A 213 -12.72 33.45 23.87
CA LEU A 213 -13.47 34.69 23.87
C LEU A 213 -14.49 34.63 22.81
N HIS A 214 -14.01 34.10 21.69
CA HIS A 214 -14.84 34.06 20.53
C HIS A 214 -15.88 33.04 20.75
N HIS A 215 -15.44 31.86 21.09
CA HIS A 215 -16.27 30.68 21.26
C HIS A 215 -17.24 30.90 22.46
N SER A 216 -17.39 32.13 22.86
CA SER A 216 -18.22 32.44 24.01
C SER A 216 -19.42 33.23 23.49
N ASN A 217 -19.17 33.92 22.40
CA ASN A 217 -20.18 34.69 21.73
C ASN A 217 -20.90 33.70 20.91
N THR A 218 -20.22 32.68 20.42
CA THR A 218 -20.92 31.79 19.61
C THR A 218 -21.81 31.14 20.66
N ASP A 219 -21.16 30.69 21.76
CA ASP A 219 -21.93 29.85 22.70
C ASP A 219 -23.07 30.64 23.15
N ARG A 220 -22.86 31.94 23.12
CA ARG A 220 -23.82 32.97 23.52
C ARG A 220 -25.01 32.96 22.59
N LEU A 221 -24.72 33.36 21.38
CA LEU A 221 -25.80 33.33 20.49
C LEU A 221 -26.44 32.00 20.34
N PHE A 222 -25.70 30.91 20.49
CA PHE A 222 -26.41 29.63 20.43
C PHE A 222 -27.48 29.53 21.51
N ALA A 223 -27.13 30.08 22.67
CA ALA A 223 -28.03 30.08 23.77
C ALA A 223 -29.11 30.99 23.27
N LEU A 224 -28.73 32.08 22.61
CA LEU A 224 -29.77 32.88 22.07
C LEU A 224 -30.95 32.01 21.37
N TRP A 225 -30.57 31.28 20.33
CA TRP A 225 -31.51 30.46 19.56
C TRP A 225 -32.39 29.78 20.52
N GLN A 226 -31.76 29.06 21.44
CA GLN A 226 -32.51 28.28 22.36
C GLN A 226 -33.57 29.27 22.80
N GLU A 227 -33.13 30.45 23.22
CA GLU A 227 -34.08 31.36 23.83
C GLU A 227 -35.12 31.63 22.80
N LEU A 228 -34.61 32.05 21.63
CA LEU A 228 -35.53 32.42 20.58
C LEU A 228 -36.51 31.28 20.37
N GLN A 229 -36.03 30.05 20.19
CA GLN A 229 -36.91 28.92 19.92
C GLN A 229 -38.11 28.90 20.93
N LYS A 230 -37.77 29.31 22.14
CA LYS A 230 -38.66 29.34 23.25
C LYS A 230 -39.78 30.24 22.84
N PHE A 231 -39.34 31.41 22.39
CA PHE A 231 -40.28 32.47 22.04
C PHE A 231 -41.10 32.11 20.81
N ARG A 232 -40.69 31.04 20.08
CA ARG A 232 -41.40 30.50 18.92
C ARG A 232 -42.32 29.35 19.39
N GLY A 233 -42.16 28.93 20.64
CA GLY A 233 -43.01 27.89 21.20
C GLY A 233 -42.37 26.53 21.47
N HIS A 234 -41.25 26.27 20.79
CA HIS A 234 -40.57 24.99 20.95
C HIS A 234 -39.75 24.84 22.23
N ASP A 235 -39.44 23.60 22.59
CA ASP A 235 -38.75 23.31 23.80
C ASP A 235 -37.41 23.62 23.45
N PRO A 236 -36.88 24.55 24.13
CA PRO A 236 -35.53 25.02 23.88
C PRO A 236 -34.50 24.03 24.35
N ASN A 237 -34.87 22.85 24.76
CA ASN A 237 -33.79 22.07 25.20
C ASN A 237 -33.95 20.74 24.72
N GLU A 238 -34.60 20.64 23.59
CA GLU A 238 -34.92 19.36 22.99
C GLU A 238 -34.42 19.40 21.53
N VAL A 239 -33.76 18.33 21.09
CA VAL A 239 -33.33 18.42 19.73
C VAL A 239 -33.85 17.23 19.03
N ASN A 240 -34.86 17.35 18.15
CA ASN A 240 -35.45 16.10 17.68
C ASN A 240 -34.75 15.75 16.36
N CYS A 241 -33.48 16.03 16.38
CA CYS A 241 -32.68 15.86 15.21
C CYS A 241 -31.42 15.07 15.52
N ALA A 242 -30.77 14.62 14.48
CA ALA A 242 -29.62 13.75 14.69
C ALA A 242 -29.53 13.06 16.05
N LEU A 243 -30.47 12.22 16.45
CA LEU A 243 -30.32 11.63 17.77
C LEU A 243 -29.21 10.58 17.85
N GLU A 244 -28.78 9.97 16.73
CA GLU A 244 -27.75 8.94 16.75
C GLU A 244 -26.51 9.52 17.31
N MET A 245 -26.33 10.84 17.24
CA MET A 245 -25.11 11.42 17.79
C MET A 245 -25.31 12.32 18.99
N MET A 246 -26.53 12.72 19.14
CA MET A 246 -26.78 13.60 20.24
C MET A 246 -26.69 12.84 21.55
N ARG A 247 -26.00 11.72 21.53
CA ARG A 247 -26.05 10.77 22.63
C ARG A 247 -24.66 10.09 22.89
N GLU A 248 -23.71 10.38 22.01
CA GLU A 248 -22.45 9.66 22.06
C GLU A 248 -21.65 10.56 22.92
N PRO A 249 -21.29 10.10 24.09
CA PRO A 249 -20.45 10.90 24.98
C PRO A 249 -19.32 11.55 24.30
N LEU A 250 -19.24 12.87 24.39
CA LEU A 250 -18.20 13.73 23.86
C LEU A 250 -16.75 13.57 24.48
N LYS A 251 -15.79 12.99 23.77
CA LYS A 251 -14.52 12.87 24.41
C LYS A 251 -13.85 14.24 24.18
N PRO A 252 -12.78 14.58 24.94
CA PRO A 252 -12.23 13.83 26.03
C PRO A 252 -13.08 13.97 27.20
N PHE A 253 -13.92 14.97 27.19
CA PHE A 253 -14.72 15.10 28.38
C PHE A 253 -15.25 13.78 28.87
N SER A 254 -15.53 12.79 28.05
CA SER A 254 -16.04 11.62 28.66
C SER A 254 -14.93 10.71 29.14
N PHE A 255 -13.75 11.21 29.19
CA PHE A 255 -12.68 10.43 29.68
C PHE A 255 -12.57 10.47 31.19
N GLY A 256 -12.97 11.56 31.83
CA GLY A 256 -12.74 11.67 33.25
C GLY A 256 -11.25 11.68 33.51
N ALA A 257 -10.82 11.35 34.72
CA ALA A 257 -9.39 11.35 35.05
C ALA A 257 -8.77 10.20 34.38
N PRO A 258 -7.51 10.26 34.14
CA PRO A 258 -6.68 11.37 34.50
C PRO A 258 -6.60 12.41 33.44
N TYR A 259 -7.44 12.40 32.45
CA TYR A 259 -7.33 13.42 31.41
C TYR A 259 -8.19 14.65 31.67
N ASN A 260 -9.29 14.45 32.34
CA ASN A 260 -10.21 15.51 32.62
C ASN A 260 -10.64 15.41 34.03
N LEU A 261 -10.02 16.28 34.81
CA LEU A 261 -10.22 16.38 36.22
C LEU A 261 -11.59 17.04 36.59
N ASN A 262 -12.13 17.86 35.72
CA ASN A 262 -13.42 18.39 35.96
C ASN A 262 -14.52 17.39 35.94
N PRO A 263 -15.28 17.40 36.99
CA PRO A 263 -16.41 16.50 37.11
C PRO A 263 -17.59 16.95 36.28
N THR A 264 -18.10 18.17 36.44
CA THR A 264 -19.29 18.51 35.72
C THR A 264 -19.09 18.53 34.25
N THR A 265 -18.01 18.02 33.70
CA THR A 265 -18.09 17.94 32.27
C THR A 265 -18.10 16.46 31.77
N LYS A 266 -17.63 15.55 32.61
CA LYS A 266 -17.73 14.15 32.28
C LYS A 266 -19.19 13.91 32.46
N GLU A 267 -19.71 14.30 33.63
CA GLU A 267 -21.15 14.15 33.99
C GLU A 267 -22.02 14.64 32.88
N HIS A 268 -21.43 15.33 31.92
CA HIS A 268 -22.18 15.90 30.82
C HIS A 268 -21.60 15.70 29.43
N SER A 269 -20.94 14.60 29.15
CA SER A 269 -20.32 14.53 27.85
C SER A 269 -21.36 14.40 26.73
N LYS A 270 -22.44 13.73 27.09
CA LYS A 270 -23.59 13.66 26.23
C LYS A 270 -24.17 15.09 25.79
N PRO A 271 -23.97 15.45 24.58
CA PRO A 271 -24.54 16.69 24.06
C PRO A 271 -25.90 16.93 24.57
N GLU A 272 -26.69 15.89 24.37
CA GLU A 272 -28.03 15.74 24.86
C GLU A 272 -28.16 16.58 26.15
N ASP A 273 -27.17 16.53 26.99
CA ASP A 273 -27.30 17.20 28.25
C ASP A 273 -26.51 18.49 28.40
N THR A 274 -26.18 19.11 27.28
CA THR A 274 -25.38 20.34 27.29
C THR A 274 -26.25 21.45 26.86
N PHE A 275 -27.53 21.16 26.58
CA PHE A 275 -28.39 22.24 26.07
C PHE A 275 -28.83 23.06 27.16
N ASP A 276 -29.03 22.51 28.32
CA ASP A 276 -29.51 23.36 29.38
C ASP A 276 -28.37 23.98 30.14
N TYR A 277 -27.70 25.00 29.60
CA TYR A 277 -26.51 25.55 30.24
C TYR A 277 -26.75 26.00 31.69
N LYS A 278 -27.55 27.02 31.87
CA LYS A 278 -27.76 27.50 33.21
C LYS A 278 -28.51 26.27 33.73
N GLY A 279 -27.97 25.61 34.75
CA GLY A 279 -28.61 24.39 35.29
C GLY A 279 -27.60 23.25 35.34
N HIS A 280 -26.94 23.02 34.25
CA HIS A 280 -25.97 22.01 34.37
C HIS A 280 -24.61 22.67 34.44
N PHE A 281 -24.41 23.88 33.93
CA PHE A 281 -23.09 24.48 34.05
C PHE A 281 -23.04 25.74 34.90
N HIS A 282 -24.20 26.11 35.35
CA HIS A 282 -24.39 27.35 36.11
C HIS A 282 -23.55 28.54 35.58
N TYR A 283 -23.98 29.11 34.49
CA TYR A 283 -23.26 30.22 33.96
C TYR A 283 -24.25 30.90 33.12
N GLU A 284 -24.33 32.22 33.27
CA GLU A 284 -25.31 33.00 32.58
C GLU A 284 -24.74 34.08 31.72
N TYR A 285 -25.50 34.53 30.76
CA TYR A 285 -24.94 35.59 29.97
C TYR A 285 -25.61 36.85 30.58
N ASP A 286 -24.88 37.96 30.70
CA ASP A 286 -25.50 39.24 31.14
C ASP A 286 -26.80 39.53 30.42
N HIS A 287 -26.79 39.37 29.12
CA HIS A 287 -27.91 39.73 28.33
C HIS A 287 -28.08 38.65 27.31
N LEU A 288 -29.08 38.75 26.40
CA LEU A 288 -29.35 37.72 25.38
C LEU A 288 -29.94 38.43 24.23
N GLU A 289 -29.12 38.89 23.31
CA GLU A 289 -29.69 39.66 22.21
C GLU A 289 -28.69 39.63 21.19
N LEU A 290 -28.93 40.18 20.02
CA LEU A 290 -27.93 40.16 18.95
C LEU A 290 -27.91 41.45 18.13
N GLN A 291 -27.08 42.36 18.55
CA GLN A 291 -26.95 43.64 17.88
C GLN A 291 -28.09 44.61 18.01
N GLY A 292 -28.73 44.70 19.16
CA GLY A 292 -29.83 45.65 19.31
C GLY A 292 -31.13 45.03 19.77
N MET A 293 -31.86 44.37 18.85
CA MET A 293 -33.25 43.82 19.11
C MET A 293 -33.34 42.61 20.03
N ASN A 294 -34.27 42.69 20.97
CA ASN A 294 -34.44 41.58 21.82
C ASN A 294 -34.87 40.23 21.19
N VAL A 295 -35.02 39.26 22.08
CA VAL A 295 -35.46 37.97 21.63
C VAL A 295 -36.62 38.21 20.77
N GLN A 296 -37.54 39.01 21.27
CA GLN A 296 -38.77 39.28 20.58
C GLN A 296 -38.47 40.01 19.32
N ARG A 297 -37.85 41.18 19.47
CA ARG A 297 -37.63 42.09 18.35
C ARG A 297 -36.98 41.30 17.29
N LEU A 298 -36.40 40.19 17.69
CA LEU A 298 -35.74 39.29 16.79
C LEU A 298 -36.71 38.54 15.91
N HIS A 299 -37.49 37.73 16.54
CA HIS A 299 -38.56 36.98 15.92
C HIS A 299 -39.32 37.98 15.06
N ASP A 300 -39.70 39.11 15.67
CA ASP A 300 -40.46 40.21 15.02
C ASP A 300 -39.61 40.92 13.97
N TYR A 301 -38.52 40.28 13.55
CA TYR A 301 -37.62 40.84 12.55
C TYR A 301 -37.52 39.88 11.38
N ILE A 302 -36.99 38.73 11.67
CA ILE A 302 -36.82 37.75 10.66
C ILE A 302 -38.04 37.69 9.78
N ASN A 303 -39.18 37.70 10.40
CA ASN A 303 -40.39 37.53 9.67
C ASN A 303 -40.30 38.42 8.48
N GLN A 304 -39.87 39.65 8.70
CA GLN A 304 -39.85 40.62 7.62
C GLN A 304 -38.91 40.10 6.57
N GLN A 305 -37.94 39.33 7.03
CA GLN A 305 -37.01 38.83 6.03
C GLN A 305 -37.77 37.94 5.09
N LYS A 306 -38.90 37.44 5.58
CA LYS A 306 -39.70 36.45 4.88
C LYS A 306 -40.82 37.06 4.05
N GLU A 307 -40.84 38.38 3.92
CA GLU A 307 -41.94 39.02 3.18
C GLU A 307 -41.57 39.23 1.76
N ALA A 308 -40.45 38.76 1.31
CA ALA A 308 -40.05 38.97 -0.07
C ALA A 308 -39.46 37.70 -0.72
N ASP A 309 -39.44 37.68 -2.04
CA ASP A 309 -38.85 36.56 -2.74
C ASP A 309 -37.33 36.59 -2.35
N ARG A 310 -36.69 35.46 -2.01
CA ARG A 310 -35.23 35.49 -1.76
C ARG A 310 -34.57 34.47 -2.63
N VAL A 311 -33.28 34.55 -2.93
CA VAL A 311 -32.65 33.53 -3.77
C VAL A 311 -31.28 33.08 -3.26
N PHE A 312 -31.12 31.81 -2.87
CA PHE A 312 -29.92 31.30 -2.27
C PHE A 312 -29.10 30.39 -3.17
N ALA A 313 -27.83 30.25 -2.85
CA ALA A 313 -26.93 29.26 -3.43
C ALA A 313 -26.64 28.22 -2.34
N GLY A 314 -26.86 26.95 -2.66
CA GLY A 314 -26.69 25.97 -1.63
C GLY A 314 -25.37 25.36 -1.87
N PHE A 315 -24.57 25.05 -0.83
CA PHE A 315 -23.27 24.46 -1.00
C PHE A 315 -23.16 23.04 -0.38
N LEU A 316 -22.81 22.01 -1.13
CA LEU A 316 -22.73 20.69 -0.48
C LEU A 316 -21.35 20.46 0.10
N LEU A 317 -21.13 20.89 1.32
CA LEU A 317 -19.82 20.83 1.96
C LEU A 317 -19.32 19.46 2.51
N GLU A 318 -18.50 18.75 1.72
CA GLU A 318 -17.92 17.42 2.03
C GLU A 318 -16.71 17.73 2.84
N GLY A 319 -16.35 18.98 2.92
CA GLY A 319 -15.10 19.30 3.54
C GLY A 319 -13.99 18.32 3.93
N ILE A 320 -12.81 18.62 3.45
CA ILE A 320 -11.62 17.98 3.93
C ILE A 320 -10.27 18.61 3.38
N GLY A 321 -9.26 18.34 4.21
CA GLY A 321 -7.86 18.75 4.07
C GLY A 321 -7.28 19.70 5.19
N THR A 322 -7.03 20.91 4.74
CA THR A 322 -6.53 21.93 5.57
C THR A 322 -7.48 23.06 5.57
N SER A 323 -7.40 23.90 6.56
CA SER A 323 -8.27 25.01 6.55
C SER A 323 -8.24 25.67 5.15
N ALA A 324 -9.33 26.28 4.73
CA ALA A 324 -9.39 26.86 3.41
C ALA A 324 -10.60 27.72 3.24
N HIS A 325 -10.49 28.71 2.32
CA HIS A 325 -11.48 29.75 2.01
C HIS A 325 -12.09 29.55 0.63
N LEU A 326 -13.40 29.63 0.60
CA LEU A 326 -14.08 29.60 -0.71
C LEU A 326 -14.88 30.88 -1.03
N ASP A 327 -14.72 31.39 -2.23
CA ASP A 327 -15.51 32.56 -2.52
C ASP A 327 -16.19 32.25 -3.75
N PHE A 328 -17.42 32.79 -3.97
CA PHE A 328 -18.16 32.47 -5.18
C PHE A 328 -18.72 33.65 -5.80
N SER A 329 -18.74 33.57 -7.13
CA SER A 329 -19.29 34.60 -8.06
C SER A 329 -20.44 34.17 -9.06
N ILE A 330 -21.47 35.02 -9.29
CA ILE A 330 -22.51 34.72 -10.32
C ILE A 330 -22.10 35.14 -11.67
N CYS A 331 -21.89 34.24 -12.60
CA CYS A 331 -21.54 34.70 -13.91
C CYS A 331 -22.64 34.80 -14.99
N ALA A 332 -22.84 35.99 -15.59
CA ALA A 332 -23.88 36.22 -16.60
C ALA A 332 -23.60 35.40 -17.81
N ILE A 333 -24.60 35.25 -18.64
CA ILE A 333 -24.47 34.35 -19.76
C ILE A 333 -23.22 34.60 -20.50
N ASP A 334 -23.00 35.86 -20.78
CA ASP A 334 -21.85 36.30 -21.55
C ASP A 334 -20.56 35.82 -20.94
N GLY A 335 -19.88 36.62 -20.12
CA GLY A 335 -18.63 36.15 -19.53
C GLY A 335 -18.19 36.80 -18.26
N GLU A 336 -18.88 37.85 -17.88
CA GLU A 336 -18.48 38.59 -16.69
C GLU A 336 -19.29 38.17 -15.46
N CYS A 337 -18.65 38.23 -14.30
CA CYS A 337 -19.33 37.90 -13.09
C CYS A 337 -19.26 39.00 -12.07
N THR A 338 -19.97 38.79 -10.99
CA THR A 338 -19.99 39.62 -9.81
C THR A 338 -19.80 38.74 -8.52
N HIS A 339 -18.92 39.24 -7.67
CA HIS A 339 -18.68 38.62 -6.39
C HIS A 339 -20.01 38.30 -5.68
N ALA A 340 -20.13 37.03 -5.38
CA ALA A 340 -21.39 36.62 -4.85
C ALA A 340 -21.44 36.79 -3.31
N GLY A 341 -20.61 36.00 -2.63
CA GLY A 341 -20.51 35.97 -1.19
C GLY A 341 -19.32 35.07 -0.93
N TYR A 342 -19.07 34.65 0.34
CA TYR A 342 -17.90 33.81 0.67
C TYR A 342 -18.00 33.33 2.08
N PHE A 343 -17.48 32.10 2.33
CA PHE A 343 -17.57 31.39 3.64
C PHE A 343 -16.28 30.69 3.71
N ASP A 344 -15.96 30.20 4.92
CA ASP A 344 -14.71 29.43 5.04
C ASP A 344 -14.82 28.34 6.07
N VAL A 345 -14.00 27.34 5.91
CA VAL A 345 -14.02 26.28 6.86
C VAL A 345 -12.68 26.05 7.52
N LEU A 346 -12.65 25.57 8.75
CA LEU A 346 -11.38 25.38 9.44
C LEU A 346 -11.16 23.94 9.45
N GLY A 347 -9.94 23.45 9.21
CA GLY A 347 -9.80 22.01 9.09
C GLY A 347 -8.37 21.46 8.95
N GLY A 348 -7.88 20.85 10.01
CA GLY A 348 -6.57 20.27 10.00
C GLY A 348 -6.40 18.97 9.29
N SER A 349 -5.18 18.51 9.26
CA SER A 349 -4.95 17.32 8.53
C SER A 349 -4.79 16.32 9.59
N LEU A 350 -5.70 16.41 10.52
CA LEU A 350 -5.64 15.53 11.66
C LEU A 350 -7.02 15.52 12.14
N GLU A 351 -7.99 15.77 11.24
CA GLU A 351 -9.43 15.91 11.58
C GLU A 351 -10.31 14.70 11.31
N THR A 352 -11.28 14.37 12.12
CA THR A 352 -11.96 13.22 11.63
C THR A 352 -12.78 13.65 10.42
N PRO A 353 -12.73 12.90 9.33
CA PRO A 353 -13.50 13.21 8.13
C PRO A 353 -14.90 13.75 8.40
N TRP A 354 -15.45 14.53 7.46
CA TRP A 354 -16.77 15.06 7.75
C TRP A 354 -17.41 15.67 6.62
N GLN A 355 -18.67 15.38 6.42
CA GLN A 355 -19.48 15.88 5.30
C GLN A 355 -20.87 16.15 5.88
N PHE A 356 -21.48 17.24 5.41
CA PHE A 356 -22.70 17.74 6.02
C PHE A 356 -23.76 16.96 5.43
N ASP A 357 -24.89 16.79 6.10
CA ASP A 357 -25.93 15.96 5.51
C ASP A 357 -27.01 16.79 5.08
N ARG A 358 -26.71 18.03 4.73
CA ARG A 358 -27.67 19.00 4.24
C ARG A 358 -26.98 20.14 3.59
N LEU A 359 -27.65 20.85 2.69
CA LEU A 359 -26.97 21.94 1.94
C LEU A 359 -26.79 23.09 2.84
N TYR A 360 -25.84 23.94 2.50
CA TYR A 360 -25.47 25.10 3.28
C TYR A 360 -25.85 26.22 2.43
N LYS A 361 -27.02 26.76 2.68
CA LYS A 361 -27.56 27.75 1.80
C LYS A 361 -26.99 29.10 2.21
N TYR A 362 -26.91 30.04 1.27
CA TYR A 362 -26.45 31.43 1.51
C TYR A 362 -27.10 32.25 0.48
N GLU A 363 -27.65 33.36 0.95
CA GLU A 363 -28.43 34.31 0.12
C GLU A 363 -27.67 35.11 -1.04
N ILE A 364 -28.20 35.11 -2.26
CA ILE A 364 -27.56 35.85 -3.32
C ILE A 364 -28.64 36.74 -3.92
N THR A 365 -29.70 36.86 -3.17
CA THR A 365 -30.82 37.67 -3.59
C THR A 365 -30.43 39.00 -4.26
N ASP A 366 -30.22 40.03 -3.45
CA ASP A 366 -29.84 41.37 -3.86
C ASP A 366 -28.81 41.39 -4.93
N VAL A 367 -27.62 40.92 -4.60
CA VAL A 367 -26.61 40.89 -5.60
C VAL A 367 -27.18 40.55 -6.99
N LEU A 368 -27.89 39.43 -7.04
CA LEU A 368 -28.49 38.92 -8.27
C LEU A 368 -29.26 40.00 -8.97
N GLU A 369 -30.28 40.46 -8.26
CA GLU A 369 -31.13 41.58 -8.70
C GLU A 369 -30.31 42.85 -9.15
N SER A 370 -29.42 43.33 -8.28
CA SER A 370 -28.52 44.43 -8.60
C SER A 370 -27.55 43.94 -9.74
N LYS A 371 -28.14 43.43 -10.78
CA LYS A 371 -27.35 42.87 -11.83
C LYS A 371 -28.45 42.60 -12.85
N GLY A 372 -29.58 43.25 -12.59
CA GLY A 372 -30.77 43.17 -13.46
C GLY A 372 -31.05 41.71 -13.68
N LEU A 373 -30.90 40.92 -12.58
CA LEU A 373 -31.10 39.48 -12.61
C LEU A 373 -32.36 38.96 -11.85
N ASP A 374 -33.17 38.17 -12.56
CA ASP A 374 -34.44 37.59 -12.07
C ASP A 374 -34.17 36.19 -11.53
N VAL A 375 -34.90 35.71 -10.59
CA VAL A 375 -34.60 34.30 -10.24
C VAL A 375 -34.62 33.36 -11.48
N HIS A 376 -35.34 33.74 -12.50
CA HIS A 376 -35.45 32.88 -13.68
C HIS A 376 -34.62 33.49 -14.88
N ASP A 377 -33.33 33.63 -14.63
CA ASP A 377 -32.42 34.22 -15.61
C ASP A 377 -31.16 33.36 -15.81
N VAL A 378 -30.88 33.03 -17.08
CA VAL A 378 -29.79 32.15 -17.44
C VAL A 378 -28.48 32.58 -16.84
N PHE A 379 -28.12 32.01 -15.68
CA PHE A 379 -26.82 32.40 -15.14
C PHE A 379 -26.08 31.32 -14.40
N ASP A 380 -24.75 31.37 -14.49
CA ASP A 380 -23.85 30.35 -13.97
C ASP A 380 -23.35 30.83 -12.69
N ILE A 381 -22.54 29.97 -12.07
CA ILE A 381 -22.02 30.22 -10.74
C ILE A 381 -20.70 29.44 -10.51
N LYS A 382 -19.59 30.16 -10.55
CA LYS A 382 -18.27 29.57 -10.42
C LYS A 382 -17.76 29.80 -9.05
N ILE A 383 -17.05 28.83 -8.52
CA ILE A 383 -16.55 28.98 -7.15
C ILE A 383 -15.05 28.92 -7.16
N THR A 384 -14.45 29.47 -6.08
CA THR A 384 -13.00 29.38 -5.75
C THR A 384 -12.70 29.13 -4.21
N GLN A 385 -11.94 28.04 -3.97
CA GLN A 385 -11.49 27.56 -2.64
C GLN A 385 -9.98 27.61 -2.65
N THR A 386 -9.43 28.49 -1.84
CA THR A 386 -7.97 28.47 -1.66
C THR A 386 -7.54 28.29 -0.21
N SER A 387 -6.55 27.45 0.00
CA SER A 387 -6.01 27.23 1.36
C SER A 387 -5.63 28.47 2.09
N TRP A 388 -5.11 28.23 3.27
CA TRP A 388 -4.82 29.31 4.14
C TRP A 388 -3.51 29.66 3.74
N ASP A 389 -2.85 28.74 3.06
CA ASP A 389 -1.51 28.99 2.51
C ASP A 389 -1.84 29.77 1.26
N ASN A 390 -1.71 29.15 0.10
CA ASN A 390 -2.10 29.83 -1.12
C ASN A 390 -1.95 28.89 -2.28
N GLU A 391 -2.50 27.68 -2.13
CA GLU A 391 -2.53 26.73 -3.30
C GLU A 391 -3.97 26.73 -3.80
N ASP A 392 -4.18 27.04 -5.07
CA ASP A 392 -5.58 27.07 -5.47
C ASP A 392 -6.03 25.62 -5.46
N ILE A 393 -7.11 25.29 -4.81
CA ILE A 393 -7.44 23.89 -4.81
C ILE A 393 -8.49 23.55 -5.86
N SER A 394 -8.15 22.58 -6.71
CA SER A 394 -9.02 22.14 -7.82
C SER A 394 -10.40 21.67 -7.30
N THR A 395 -11.44 22.39 -7.71
CA THR A 395 -12.79 22.00 -7.29
C THR A 395 -13.37 20.98 -8.30
N ASP A 396 -12.48 20.57 -9.23
CA ASP A 396 -12.92 19.73 -10.34
C ASP A 396 -13.90 18.67 -9.85
N ARG A 397 -13.76 18.23 -8.58
CA ARG A 397 -14.67 17.18 -8.10
C ARG A 397 -15.54 17.70 -6.99
N PHE A 398 -15.74 19.00 -6.92
CA PHE A 398 -16.55 19.55 -5.85
C PHE A 398 -17.90 19.64 -6.46
N PRO A 399 -18.97 19.14 -5.83
CA PRO A 399 -20.32 19.16 -6.38
C PRO A 399 -20.83 20.59 -6.55
N PRO A 400 -21.24 20.88 -7.76
CA PRO A 400 -21.80 22.16 -8.15
C PRO A 400 -22.92 22.62 -7.23
N PRO A 401 -22.94 23.91 -6.92
CA PRO A 401 -23.85 24.47 -5.95
C PRO A 401 -25.19 24.64 -6.52
N SER A 402 -26.21 24.39 -5.71
CA SER A 402 -27.52 24.51 -6.27
C SER A 402 -27.89 25.96 -6.21
N VAL A 403 -29.07 26.29 -6.75
CA VAL A 403 -29.59 27.66 -6.73
C VAL A 403 -31.03 27.75 -6.32
N ILE A 404 -31.28 27.52 -5.05
CA ILE A 404 -32.59 27.49 -4.46
C ILE A 404 -33.25 28.79 -4.66
N TYR A 405 -34.57 28.68 -4.81
CA TYR A 405 -35.52 29.82 -4.87
C TYR A 405 -36.43 29.86 -3.65
N VAL A 406 -36.98 30.99 -3.30
CA VAL A 406 -37.73 30.92 -2.08
C VAL A 406 -38.94 31.74 -2.25
N PRO A 407 -40.08 31.21 -1.90
CA PRO A 407 -41.34 31.88 -2.09
C PRO A 407 -41.46 32.97 -1.07
N LYS A 408 -42.65 33.55 -0.93
CA LYS A 408 -43.03 34.57 0.04
C LYS A 408 -42.14 35.71 -0.26
N GLY B 1 33.44 -21.39 11.31
CA GLY B 1 34.60 -22.24 10.70
C GLY B 1 35.38 -23.02 11.78
N HIS B 2 35.91 -22.21 12.72
CA HIS B 2 36.49 -22.69 13.98
C HIS B 2 35.66 -22.07 15.22
N ARG B 3 36.02 -20.86 15.65
CA ARG B 3 35.53 -20.38 16.90
C ARG B 3 34.49 -19.32 16.64
N ASN B 4 33.32 -20.61 18.63
CA ASN B 4 32.30 -20.05 19.48
C ASN B 4 32.22 -18.57 19.18
N LEU B 5 31.15 -17.95 19.61
CA LEU B 5 31.09 -16.56 19.57
C LEU B 5 30.11 -16.36 20.68
N VAL B 6 30.22 -15.20 21.32
CA VAL B 6 29.32 -14.83 22.39
C VAL B 6 28.57 -13.60 21.95
N ARG B 7 27.28 -13.70 21.76
CA ARG B 7 26.58 -12.49 21.35
C ARG B 7 26.35 -11.59 22.54
N LYS B 8 26.84 -10.34 22.56
CA LYS B 8 26.50 -9.44 23.68
C LYS B 8 25.27 -8.45 23.54
N SER B 9 24.84 -7.83 24.63
CA SER B 9 23.85 -6.77 24.50
C SER B 9 24.49 -5.65 23.77
N VAL B 10 23.67 -4.93 23.03
CA VAL B 10 24.15 -3.83 22.18
C VAL B 10 24.49 -2.64 23.03
N ARG B 11 24.73 -2.89 24.29
CA ARG B 11 25.09 -1.82 25.22
C ARG B 11 26.29 -2.29 25.99
N ASN B 12 26.31 -3.46 26.58
CA ASN B 12 27.57 -3.77 27.23
C ASN B 12 28.65 -4.13 26.23
N LEU B 13 28.75 -3.36 25.14
CA LEU B 13 29.73 -3.59 24.10
C LEU B 13 30.92 -2.70 24.29
N SER B 14 32.11 -3.33 24.28
CA SER B 14 33.39 -2.65 24.43
C SER B 14 33.89 -2.16 23.12
N PRO B 15 34.25 -0.91 23.12
CA PRO B 15 34.80 -0.24 21.95
C PRO B 15 35.75 -1.10 21.17
N ALA B 16 36.51 -1.95 21.82
CA ALA B 16 37.25 -2.82 20.96
C ALA B 16 36.25 -3.61 20.14
N GLU B 17 35.18 -4.06 20.80
CA GLU B 17 34.25 -5.05 20.22
C GLU B 17 33.51 -4.42 19.09
N ARG B 18 32.89 -3.37 19.52
CA ARG B 18 32.16 -2.58 18.62
C ARG B 18 32.99 -2.26 17.33
N ALA B 19 34.25 -1.84 17.60
CA ALA B 19 35.17 -1.63 16.53
C ALA B 19 35.19 -2.78 15.54
N SER B 20 35.34 -4.01 15.99
CA SER B 20 35.42 -5.18 15.06
C SER B 20 34.21 -5.38 14.19
N LEU B 21 33.05 -5.11 14.79
CA LEU B 21 31.80 -5.16 14.06
C LEU B 21 31.61 -3.93 13.18
N VAL B 22 32.22 -2.78 13.55
CA VAL B 22 31.96 -1.62 12.74
C VAL B 22 32.71 -1.70 11.52
N ALA B 23 33.77 -2.39 11.58
CA ALA B 23 34.59 -2.34 10.45
C ALA B 23 34.16 -3.50 9.64
N ALA B 24 33.63 -4.50 10.32
CA ALA B 24 33.17 -5.72 9.65
C ALA B 24 32.03 -5.53 8.63
N LEU B 25 30.90 -5.00 9.11
CA LEU B 25 29.78 -4.75 8.25
C LEU B 25 30.13 -3.75 7.27
N LYS B 26 30.95 -2.84 7.65
CA LYS B 26 31.35 -1.84 6.68
C LYS B 26 31.88 -2.47 5.44
N SER B 27 32.65 -3.53 5.68
CA SER B 27 33.24 -4.36 4.65
C SER B 27 32.15 -5.19 4.01
N LEU B 28 31.29 -5.72 4.87
CA LEU B 28 30.23 -6.59 4.42
C LEU B 28 29.44 -5.77 3.45
N GLN B 29 29.14 -4.54 3.83
CA GLN B 29 28.20 -3.78 3.02
C GLN B 29 28.83 -3.52 1.72
N GLU B 30 30.11 -3.81 1.55
CA GLU B 30 30.66 -3.62 0.22
C GLU B 30 30.96 -4.91 -0.49
N ASP B 31 30.29 -5.97 -0.10
CA ASP B 31 30.59 -7.30 -0.58
C ASP B 31 29.58 -7.68 -1.62
N SER B 32 29.99 -7.45 -2.82
CA SER B 32 29.12 -7.72 -3.99
C SER B 32 28.72 -9.17 -4.20
N SER B 33 29.47 -10.06 -3.55
CA SER B 33 29.33 -11.50 -3.66
C SER B 33 27.97 -12.00 -3.22
N ALA B 34 27.66 -13.18 -3.67
CA ALA B 34 26.44 -13.73 -3.21
C ALA B 34 26.30 -13.67 -1.69
N ASP B 35 27.35 -13.81 -0.93
CA ASP B 35 27.18 -13.78 0.51
C ASP B 35 27.47 -12.41 1.00
N GLY B 36 27.20 -11.43 0.16
CA GLY B 36 27.37 -10.05 0.54
C GLY B 36 26.06 -9.47 1.01
N PHE B 37 26.16 -8.36 1.67
CA PHE B 37 25.05 -7.67 2.29
C PHE B 37 23.82 -7.50 1.44
N GLN B 38 23.90 -6.63 0.46
CA GLN B 38 22.81 -6.40 -0.41
C GLN B 38 22.20 -7.72 -0.81
N SER B 39 22.97 -8.78 -0.96
CA SER B 39 22.44 -10.09 -1.30
C SER B 39 21.83 -10.86 -0.10
N LEU B 40 22.58 -11.03 0.98
CA LEU B 40 22.07 -11.69 2.17
C LEU B 40 20.79 -11.01 2.61
N ALA B 41 20.63 -9.85 2.02
CA ALA B 41 19.48 -9.06 2.33
C ALA B 41 18.25 -9.61 1.68
N SER B 42 18.48 -10.33 0.59
CA SER B 42 17.50 -10.74 -0.30
C SER B 42 16.97 -11.97 0.40
N PHE B 43 17.83 -12.73 1.01
CA PHE B 43 17.18 -13.86 1.55
C PHE B 43 15.82 -13.57 2.21
N HIS B 44 15.53 -12.51 2.93
CA HIS B 44 14.26 -12.41 3.67
C HIS B 44 12.96 -12.35 2.78
N ALA B 45 12.93 -11.33 1.91
CA ALA B 45 11.77 -11.05 1.10
C ALA B 45 12.05 -10.38 -0.28
N GLN B 46 12.45 -9.11 -0.39
CA GLN B 46 12.59 -8.61 -1.78
C GLN B 46 14.01 -8.35 -2.11
N PRO B 47 14.57 -8.69 -3.24
CA PRO B 47 14.06 -9.52 -4.29
C PRO B 47 13.72 -10.92 -3.90
N PRO B 48 12.55 -11.38 -4.25
CA PRO B 48 12.05 -12.69 -3.84
C PRO B 48 12.68 -13.74 -4.57
N LEU B 49 13.11 -14.80 -3.95
CA LEU B 49 13.73 -15.85 -4.69
C LEU B 49 13.46 -17.08 -3.92
N CYS B 50 12.21 -17.42 -4.04
CA CYS B 50 11.57 -18.37 -3.20
C CYS B 50 11.24 -19.82 -3.51
N PRO B 51 10.15 -20.12 -4.20
CA PRO B 51 9.87 -21.59 -4.35
C PRO B 51 11.26 -22.01 -4.92
N ALA B 52 11.67 -21.21 -5.90
CA ALA B 52 12.89 -21.39 -6.60
C ALA B 52 13.33 -19.93 -6.87
N PRO B 53 14.38 -19.69 -7.57
CA PRO B 53 14.65 -18.31 -7.89
C PRO B 53 14.41 -18.02 -9.32
N ALA B 54 13.78 -18.86 -10.09
CA ALA B 54 13.60 -18.50 -11.51
C ALA B 54 12.11 -18.69 -12.00
N ALA B 55 11.28 -19.41 -11.20
CA ALA B 55 9.91 -19.76 -11.60
C ALA B 55 9.00 -18.55 -11.68
N ASN B 56 7.92 -18.71 -12.43
CA ASN B 56 7.11 -17.55 -12.67
C ASN B 56 6.66 -16.75 -11.51
N LYS B 57 5.90 -17.32 -10.59
CA LYS B 57 5.32 -16.49 -9.55
C LYS B 57 6.17 -16.74 -8.37
N ALA B 58 6.82 -15.75 -7.77
CA ALA B 58 7.79 -15.97 -6.67
C ALA B 58 7.43 -15.36 -5.29
N PHE B 59 7.90 -15.84 -4.15
CA PHE B 59 7.46 -15.10 -2.95
C PHE B 59 8.54 -14.70 -1.96
N ALA B 60 8.24 -13.94 -0.94
CA ALA B 60 9.29 -13.64 -0.03
C ALA B 60 9.59 -14.91 0.71
N CYS B 61 10.84 -15.39 0.62
CA CYS B 61 11.32 -16.65 1.12
C CYS B 61 11.27 -16.70 2.48
N CYS B 62 10.89 -15.68 3.17
CA CYS B 62 10.92 -15.86 4.61
C CYS B 62 9.68 -16.55 5.34
N VAL B 63 9.83 -17.41 6.34
CA VAL B 63 8.66 -17.99 7.06
C VAL B 63 8.01 -17.02 8.08
N HIS B 64 6.73 -16.75 7.98
CA HIS B 64 6.04 -15.80 8.87
C HIS B 64 4.65 -16.37 9.11
N GLY B 65 4.04 -16.27 10.25
CA GLY B 65 2.70 -16.85 10.30
C GLY B 65 2.75 -18.40 10.40
N MET B 66 3.88 -19.01 10.20
CA MET B 66 3.97 -20.42 10.37
C MET B 66 4.79 -20.94 11.65
N ALA B 67 4.51 -22.18 12.04
CA ALA B 67 5.26 -22.72 13.11
C ALA B 67 6.71 -22.51 12.82
N THR B 68 7.22 -22.75 11.62
CA THR B 68 8.64 -22.82 11.56
C THR B 68 9.28 -21.60 11.53
N PHE B 69 8.68 -20.48 11.96
CA PHE B 69 9.36 -19.15 11.89
C PHE B 69 10.61 -18.92 12.68
N PRO B 70 10.64 -19.13 13.96
CA PRO B 70 11.85 -18.95 14.72
C PRO B 70 13.06 -19.77 14.19
N GLU B 71 12.89 -20.64 13.25
CA GLU B 71 14.13 -21.24 12.85
C GLU B 71 14.61 -20.51 11.68
N TRP B 72 13.69 -20.28 10.80
CA TRP B 72 14.08 -19.53 9.67
C TRP B 72 14.93 -18.29 10.12
N HIS B 73 14.34 -17.44 10.97
CA HIS B 73 15.03 -16.25 11.36
C HIS B 73 16.23 -16.69 12.18
N ARG B 74 16.27 -17.91 12.66
CA ARG B 74 17.47 -18.17 13.44
C ARG B 74 18.57 -18.43 12.42
N LEU B 75 18.32 -19.29 11.43
CA LEU B 75 19.34 -19.54 10.48
C LEU B 75 19.74 -18.28 9.93
N TYR B 76 18.94 -17.27 9.94
CA TYR B 76 19.27 -16.06 9.13
C TYR B 76 20.28 -15.17 9.85
N THR B 77 20.07 -14.92 11.15
CA THR B 77 21.09 -14.24 11.92
C THR B 77 22.31 -15.02 11.79
N VAL B 78 22.31 -16.33 11.62
CA VAL B 78 23.60 -16.99 11.53
C VAL B 78 24.13 -16.70 10.19
N GLN B 79 23.24 -16.57 9.24
CA GLN B 79 23.74 -16.42 7.93
C GLN B 79 24.43 -15.12 7.98
N PHE B 80 23.86 -14.12 8.64
CA PHE B 80 24.54 -12.84 8.58
C PHE B 80 25.74 -12.84 9.40
N GLU B 81 25.69 -13.39 10.61
CA GLU B 81 26.83 -13.43 11.58
C GLU B 81 28.05 -14.05 10.87
N ASP B 82 27.89 -15.28 10.34
CA ASP B 82 29.07 -15.90 9.73
C ASP B 82 29.64 -14.90 8.67
N ALA B 83 28.79 -14.01 8.27
CA ALA B 83 29.20 -13.25 7.15
C ALA B 83 29.93 -12.08 7.71
N LEU B 84 29.56 -11.73 8.93
CA LEU B 84 30.26 -10.62 9.50
C LEU B 84 31.68 -11.10 9.87
N ARG B 85 31.73 -12.21 10.56
CA ARG B 85 32.96 -12.90 10.73
C ARG B 85 33.84 -12.93 9.42
N ARG B 86 33.35 -13.54 8.33
CA ARG B 86 34.07 -13.69 7.04
C ARG B 86 34.78 -12.37 6.74
N HIS B 87 34.16 -11.29 7.22
CA HIS B 87 34.84 -10.03 7.03
C HIS B 87 35.48 -9.58 8.37
N GLY B 88 36.19 -10.37 9.11
CA GLY B 88 36.84 -9.70 10.19
C GLY B 88 36.12 -9.62 11.50
N SER B 89 34.81 -9.79 11.52
CA SER B 89 34.21 -9.74 12.83
C SER B 89 34.70 -10.82 13.76
N VAL B 90 34.66 -10.50 15.03
CA VAL B 90 35.11 -11.52 15.99
C VAL B 90 34.22 -11.54 17.19
N VAL B 91 33.03 -11.04 17.00
CA VAL B 91 32.17 -11.16 18.11
C VAL B 91 30.84 -11.40 17.47
N GLY B 92 29.91 -12.02 18.21
CA GLY B 92 28.67 -12.48 17.63
C GLY B 92 27.84 -11.29 17.44
N ILE B 93 26.83 -11.40 16.60
CA ILE B 93 25.95 -10.28 16.40
C ILE B 93 25.16 -9.80 17.65
N PRO B 94 25.41 -8.61 18.20
CA PRO B 94 24.82 -8.22 19.47
C PRO B 94 23.36 -8.17 19.28
N TYR B 95 22.63 -8.10 20.40
CA TYR B 95 21.16 -8.12 20.46
C TYR B 95 20.75 -6.79 21.05
N TRP B 96 19.80 -6.11 20.45
CA TRP B 96 19.21 -4.93 21.06
C TRP B 96 17.98 -5.36 21.88
N ASP B 97 18.19 -5.68 23.16
CA ASP B 97 17.08 -6.07 23.96
C ASP B 97 16.16 -4.92 24.09
N THR B 98 14.85 -5.15 23.91
CA THR B 98 13.86 -4.07 24.08
C THR B 98 12.80 -4.51 25.08
N VAL B 99 12.75 -5.73 25.55
CA VAL B 99 11.84 -5.90 26.64
C VAL B 99 12.15 -4.79 27.71
N VAL B 100 13.27 -4.11 27.66
CA VAL B 100 13.44 -3.15 28.73
C VAL B 100 13.29 -1.76 28.23
N PRO B 101 12.56 -0.91 28.87
CA PRO B 101 12.28 0.39 28.27
C PRO B 101 13.56 1.03 27.92
N GLN B 102 13.76 1.30 26.64
CA GLN B 102 14.89 2.08 26.20
C GLN B 102 14.58 3.60 26.40
N GLU B 103 15.38 4.23 27.18
CA GLU B 103 15.18 5.62 27.46
C GLU B 103 15.83 6.48 26.35
N ASP B 104 16.78 5.86 25.65
CA ASP B 104 17.48 6.49 24.51
C ASP B 104 17.65 5.48 23.42
N LEU B 105 18.25 5.92 22.32
CA LEU B 105 18.54 4.99 21.24
C LEU B 105 20.00 4.57 21.23
N PRO B 106 20.25 3.29 21.40
CA PRO B 106 21.62 2.82 21.48
C PRO B 106 22.46 3.37 20.38
N ALA B 107 23.59 3.91 20.84
CA ALA B 107 24.62 4.44 19.99
C ALA B 107 24.93 3.50 18.81
N PHE B 108 25.29 2.27 19.17
CA PHE B 108 25.74 1.28 18.21
C PHE B 108 25.12 1.55 16.96
N PHE B 109 23.84 1.72 16.96
CA PHE B 109 23.20 1.84 15.68
C PHE B 109 22.69 3.25 15.45
N ASN B 110 22.89 4.13 16.42
CA ASN B 110 22.32 5.38 16.11
C ASN B 110 23.23 6.50 15.61
N ASP B 111 24.46 6.47 16.02
CA ASP B 111 25.31 7.59 15.63
C ASP B 111 25.26 7.69 14.15
N GLU B 112 25.21 8.87 13.64
CA GLU B 112 25.23 8.98 12.24
C GLU B 112 26.68 8.58 11.78
N ILE B 113 27.67 8.98 12.57
CA ILE B 113 29.04 8.59 12.24
C ILE B 113 29.69 7.99 13.41
N TRP B 114 30.76 7.24 13.11
CA TRP B 114 31.61 6.66 14.15
C TRP B 114 33.08 7.05 14.03
N ASP B 115 33.84 6.93 15.13
CA ASP B 115 35.26 7.27 15.17
C ASP B 115 36.14 6.07 15.52
N ASP B 116 36.83 5.49 14.54
CA ASP B 116 37.72 4.32 14.80
C ASP B 116 37.99 4.21 16.27
N ALA B 117 38.45 5.34 16.80
CA ALA B 117 38.71 5.31 18.20
C ALA B 117 39.44 3.98 18.61
N LEU B 118 40.71 3.88 18.15
CA LEU B 118 41.66 2.80 18.43
C LEU B 118 42.68 2.97 17.30
N PHE B 119 42.66 4.20 16.74
CA PHE B 119 43.49 4.73 15.59
C PHE B 119 42.94 6.07 15.01
N HIS B 120 41.73 6.40 15.49
CA HIS B 120 40.98 7.67 15.31
C HIS B 120 40.76 8.15 13.94
N ALA B 121 39.52 8.12 13.43
CA ALA B 121 39.22 8.48 12.07
C ALA B 121 37.74 8.37 11.84
N ASN B 122 37.24 8.99 10.80
CA ASN B 122 35.81 9.06 10.59
C ASN B 122 35.38 8.10 9.52
N PHE B 123 34.32 7.37 9.76
CA PHE B 123 33.71 6.62 8.73
C PHE B 123 32.26 6.70 9.10
N THR B 124 31.36 6.44 8.18
CA THR B 124 29.98 6.37 8.54
C THR B 124 29.67 5.07 9.19
N ASN B 125 28.71 5.10 10.15
CA ASN B 125 28.33 3.95 10.93
C ASN B 125 27.59 3.05 10.09
N PRO B 126 28.21 1.98 9.77
CA PRO B 126 27.59 1.09 8.85
C PRO B 126 26.34 0.50 9.50
N PHE B 127 26.41 0.05 10.74
CA PHE B 127 25.20 -0.32 11.47
C PHE B 127 24.12 0.84 11.59
N ASN B 128 24.16 1.87 10.74
CA ASN B 128 23.15 2.93 10.82
C ASN B 128 22.16 3.07 9.65
N GLY B 129 22.44 2.41 8.55
CA GLY B 129 21.48 2.35 7.47
C GLY B 129 22.17 1.72 6.34
N ALA B 130 21.50 1.57 5.24
CA ALA B 130 22.19 0.99 4.09
C ALA B 130 21.45 1.38 2.86
N ASP B 131 21.94 1.03 1.69
CA ASP B 131 21.25 1.42 0.48
C ASP B 131 20.50 0.18 0.16
N ILE B 132 19.69 0.22 -0.89
CA ILE B 132 18.93 -0.91 -1.36
C ILE B 132 19.00 -0.78 -2.84
N ASP B 133 20.01 -1.40 -3.43
CA ASP B 133 20.34 -1.20 -4.81
C ASP B 133 19.27 -1.65 -5.77
N PHE B 134 18.80 -2.89 -5.72
CA PHE B 134 17.81 -3.23 -6.77
C PHE B 134 16.62 -2.14 -6.92
N ASN B 135 16.16 -1.72 -5.77
CA ASN B 135 15.08 -0.81 -5.67
C ASN B 135 15.55 0.56 -6.01
N HIS B 136 16.81 0.69 -6.27
CA HIS B 136 17.40 1.99 -6.35
C HIS B 136 16.94 2.87 -5.25
N GLN B 137 16.60 2.34 -4.07
CA GLN B 137 16.17 3.16 -2.93
C GLN B 137 17.06 3.07 -1.65
N LYS B 138 16.69 3.77 -0.57
CA LYS B 138 17.53 3.67 0.68
C LYS B 138 16.78 3.38 1.95
N ILE B 139 17.20 2.51 2.85
CA ILE B 139 16.33 2.26 4.04
C ILE B 139 16.08 3.58 4.66
N ALA B 140 15.14 3.67 5.61
CA ALA B 140 14.75 4.88 6.36
C ALA B 140 14.16 4.45 7.69
N ARG B 141 13.80 5.36 8.56
CA ARG B 141 13.45 4.84 9.86
C ARG B 141 12.50 5.80 10.38
N ASP B 142 11.83 5.53 11.49
CA ASP B 142 10.88 6.48 12.06
C ASP B 142 10.54 5.85 13.30
N ILE B 143 11.10 6.31 14.43
CA ILE B 143 10.94 5.63 15.71
C ILE B 143 9.56 5.76 16.40
N ASN B 144 8.61 6.12 15.53
CA ASN B 144 7.08 6.24 15.75
C ASN B 144 6.55 6.34 17.17
N VAL B 145 6.75 5.19 17.79
CA VAL B 145 6.56 5.17 19.17
C VAL B 145 7.99 5.06 19.77
N ASP B 146 8.74 6.14 19.81
CA ASP B 146 9.92 6.04 20.61
C ASP B 146 9.20 6.11 22.00
N LYS B 147 7.89 6.13 21.93
CA LYS B 147 7.08 6.06 23.11
C LYS B 147 7.10 4.64 23.71
N LEU B 148 7.81 3.70 23.02
CA LEU B 148 8.23 2.39 23.52
C LEU B 148 8.90 2.63 24.96
N ALA B 149 9.87 3.58 25.01
CA ALA B 149 10.48 4.07 26.28
C ALA B 149 9.37 4.13 27.26
N LYS B 150 8.31 4.81 26.83
CA LYS B 150 7.08 4.95 27.65
C LYS B 150 6.35 3.63 27.95
N GLU B 151 6.58 3.17 29.16
CA GLU B 151 5.89 1.96 29.48
C GLU B 151 5.96 1.70 30.98
N GLY B 152 5.05 0.82 31.47
CA GLY B 152 5.16 0.26 32.79
C GLY B 152 4.13 0.69 33.83
N PRO B 153 2.87 0.25 33.69
CA PRO B 153 1.81 0.66 34.60
C PRO B 153 2.25 0.33 35.95
N LYS B 154 3.36 -0.38 36.09
CA LYS B 154 3.85 -0.77 37.42
C LYS B 154 5.28 -1.13 37.33
N GLY B 155 6.06 -0.42 36.53
CA GLY B 155 7.48 -0.67 36.40
C GLY B 155 8.03 -1.25 35.08
N TYR B 156 8.71 -2.38 35.21
CA TYR B 156 9.35 -3.10 34.12
C TYR B 156 8.35 -3.82 33.25
N ASP B 157 7.11 -4.01 33.73
CA ASP B 157 6.13 -4.76 32.96
C ASP B 157 5.73 -4.14 31.63
N THR B 158 6.64 -4.01 30.70
CA THR B 158 6.25 -3.26 29.57
C THR B 158 5.53 -4.16 28.67
N TRP B 159 4.78 -3.56 27.74
CA TRP B 159 4.12 -4.36 26.72
C TRP B 159 5.02 -5.55 26.36
N SER B 160 6.19 -5.33 25.81
CA SER B 160 6.92 -6.49 25.50
C SER B 160 7.09 -7.50 26.68
N PHE B 161 7.10 -7.01 27.92
CA PHE B 161 7.40 -7.94 29.02
C PHE B 161 6.25 -8.93 29.17
N LYS B 162 5.04 -8.32 29.41
CA LYS B 162 3.72 -8.98 29.47
C LYS B 162 3.70 -9.88 28.28
N GLN B 163 4.17 -9.38 27.18
CA GLN B 163 4.03 -10.06 26.03
C GLN B 163 4.95 -11.22 26.03
N TYR B 164 6.21 -11.04 26.32
CA TYR B 164 7.12 -12.19 26.17
C TYR B 164 7.01 -13.21 27.33
N ILE B 165 6.85 -12.61 28.49
CA ILE B 165 6.65 -13.42 29.67
C ILE B 165 5.58 -14.51 29.39
N TYR B 166 4.49 -14.11 28.73
CA TYR B 166 3.43 -15.01 28.43
C TYR B 166 3.92 -16.05 27.47
N ALA B 167 4.64 -15.62 26.49
CA ALA B 167 5.04 -16.61 25.59
C ALA B 167 5.83 -17.52 26.29
N LEU B 168 6.49 -17.15 27.38
CA LEU B 168 7.35 -18.12 27.98
C LEU B 168 6.57 -19.03 28.86
N GLU B 169 5.30 -18.70 29.15
CA GLU B 169 4.49 -19.52 30.04
C GLU B 169 4.11 -20.77 29.33
N GLN B 170 3.60 -20.61 28.15
CA GLN B 170 3.18 -21.73 27.40
C GLN B 170 4.35 -22.68 27.37
N GLU B 171 4.02 -23.95 27.66
CA GLU B 171 4.94 -25.06 27.55
C GLU B 171 4.83 -25.79 26.19
N ASP B 172 3.84 -25.45 25.35
CA ASP B 172 3.80 -26.10 24.09
C ASP B 172 4.50 -25.27 23.05
N TYR B 173 5.56 -25.84 22.46
CA TYR B 173 6.32 -25.09 21.41
C TYR B 173 5.41 -24.32 20.48
N CYS B 174 4.35 -24.97 19.99
CA CYS B 174 3.46 -24.26 19.09
C CYS B 174 2.61 -23.13 19.65
N ASP B 175 1.93 -23.39 20.77
CA ASP B 175 1.06 -22.40 21.39
C ASP B 175 1.90 -21.24 21.67
N PHE B 176 3.21 -21.45 21.75
CA PHE B 176 4.04 -20.32 22.10
C PHE B 176 4.59 -19.59 20.97
N GLU B 177 5.04 -20.20 19.89
CA GLU B 177 5.47 -19.39 18.74
C GLU B 177 4.36 -18.48 18.30
N VAL B 178 3.15 -18.75 18.71
CA VAL B 178 2.17 -17.75 18.33
C VAL B 178 2.44 -16.42 18.99
N GLN B 179 2.81 -16.48 20.25
CA GLN B 179 3.02 -15.28 20.91
C GLN B 179 4.35 -14.77 20.55
N PHE B 180 5.32 -15.62 20.64
CA PHE B 180 6.67 -15.21 20.31
C PHE B 180 6.81 -14.54 18.97
N GLU B 181 6.05 -14.88 17.99
CA GLU B 181 6.17 -14.19 16.69
C GLU B 181 5.52 -12.88 16.76
N ILE B 182 4.27 -12.87 17.10
CA ILE B 182 3.55 -11.65 17.16
C ILE B 182 4.39 -10.75 18.01
N ALA B 183 5.11 -11.23 19.04
CA ALA B 183 6.03 -10.27 19.68
C ALA B 183 7.14 -9.70 18.76
N HIS B 184 7.80 -10.58 17.97
CA HIS B 184 8.91 -10.22 17.09
C HIS B 184 8.37 -9.30 16.11
N ASN B 185 7.11 -8.92 16.26
CA ASN B 185 6.61 -7.88 15.40
C ASN B 185 6.69 -6.53 15.87
N ALA B 186 7.11 -6.30 17.07
CA ALA B 186 6.90 -4.91 17.51
C ALA B 186 7.94 -3.91 17.09
N ILE B 187 9.19 -4.26 17.35
CA ILE B 187 10.32 -3.50 16.89
C ILE B 187 10.26 -3.16 15.43
N HIS B 188 9.75 -4.09 14.62
CA HIS B 188 9.60 -3.96 13.15
C HIS B 188 8.78 -2.73 13.04
N ALA B 189 7.70 -2.70 13.75
CA ALA B 189 6.89 -1.50 13.66
C ALA B 189 7.48 -0.20 14.27
N TRP B 190 8.09 -0.38 15.42
CA TRP B 190 8.58 0.72 16.15
C TRP B 190 9.85 1.19 15.56
N VAL B 191 10.23 0.65 14.41
CA VAL B 191 11.46 1.26 13.83
C VAL B 191 11.19 1.80 12.52
N GLY B 192 10.15 1.32 11.89
CA GLY B 192 9.86 1.79 10.56
C GLY B 192 8.67 2.67 10.41
N GLY B 193 7.99 2.84 11.53
CA GLY B 193 6.88 3.77 11.60
C GLY B 193 6.19 3.89 10.25
N THR B 194 6.29 4.98 9.56
CA THR B 194 5.38 5.10 8.42
C THR B 194 6.18 4.96 7.12
N GLU B 195 7.48 4.82 7.28
CA GLU B 195 8.31 4.81 6.09
C GLU B 195 8.16 3.54 5.34
N GLU B 196 7.87 3.68 4.05
CA GLU B 196 7.84 2.53 3.22
C GLU B 196 9.15 1.81 3.23
N TYR B 197 10.23 2.31 2.71
CA TYR B 197 11.43 1.44 2.77
C TYR B 197 12.19 1.25 4.19
N SER B 198 11.56 0.58 5.13
CA SER B 198 12.21 0.41 6.40
C SER B 198 11.98 -0.99 7.02
N MET B 199 11.77 -1.00 8.34
CA MET B 199 11.66 -2.28 9.00
C MET B 199 10.32 -2.81 9.14
N GLY B 200 9.41 -1.94 8.77
CA GLY B 200 8.00 -2.19 8.99
C GLY B 200 7.40 -2.75 7.73
N HIS B 201 8.29 -3.08 6.80
CA HIS B 201 7.79 -3.66 5.59
C HIS B 201 8.53 -4.93 5.32
N LEU B 202 7.82 -6.00 5.20
CA LEU B 202 8.39 -7.28 4.91
C LEU B 202 9.44 -7.16 3.86
N HIS B 203 9.17 -6.59 2.71
CA HIS B 203 10.20 -6.47 1.71
C HIS B 203 11.44 -5.87 2.21
N TYR B 204 11.57 -4.58 2.27
CA TYR B 204 12.84 -4.04 2.65
C TYR B 204 13.47 -4.22 4.08
N ALA B 205 12.67 -4.34 5.08
CA ALA B 205 13.32 -4.48 6.38
C ALA B 205 14.70 -5.23 6.50
N SER B 206 14.95 -6.35 5.86
CA SER B 206 16.22 -6.86 6.27
C SER B 206 17.20 -6.01 5.62
N TYR B 207 16.80 -4.94 4.98
CA TYR B 207 17.86 -4.19 4.42
C TYR B 207 18.50 -3.28 5.53
N ASP B 208 17.80 -2.96 6.55
CA ASP B 208 18.38 -2.07 7.49
C ASP B 208 19.10 -2.93 8.49
N PRO B 209 20.28 -2.56 8.99
CA PRO B 209 20.95 -3.43 9.95
C PRO B 209 20.24 -3.55 11.26
N VAL B 210 19.51 -2.63 11.73
CA VAL B 210 18.99 -2.92 13.03
C VAL B 210 18.17 -4.19 13.05
N PHE B 211 17.82 -4.74 11.90
CA PHE B 211 17.10 -6.03 11.84
C PHE B 211 17.95 -7.07 12.52
N ILE B 212 19.08 -7.36 11.93
CA ILE B 212 20.01 -8.22 12.60
C ILE B 212 20.00 -7.90 14.01
N LEU B 213 20.15 -6.65 14.33
CA LEU B 213 20.11 -6.33 15.79
C LEU B 213 18.88 -6.82 16.51
N HIS B 214 17.73 -6.81 15.87
CA HIS B 214 16.51 -7.19 16.56
C HIS B 214 16.42 -8.66 16.73
N HIS B 215 16.49 -9.30 15.59
CA HIS B 215 16.28 -10.73 15.39
C HIS B 215 17.47 -11.39 16.16
N SER B 216 18.23 -10.59 16.86
CA SER B 216 19.22 -11.30 17.57
C SER B 216 18.70 -11.26 18.95
N ASN B 217 17.86 -10.32 19.20
CA ASN B 217 17.41 -10.28 20.56
C ASN B 217 16.24 -11.27 20.66
N THR B 218 15.56 -11.58 19.52
CA THR B 218 14.46 -12.54 19.53
C THR B 218 14.97 -13.93 19.67
N ASP B 219 16.01 -14.16 18.89
CA ASP B 219 16.58 -15.46 19.02
C ASP B 219 17.10 -15.60 20.45
N ARG B 220 17.38 -14.50 21.13
CA ARG B 220 17.88 -14.53 22.49
C ARG B 220 16.75 -15.02 23.32
N LEU B 221 15.55 -14.48 23.13
CA LEU B 221 14.41 -15.07 23.84
C LEU B 221 14.16 -16.53 23.54
N PHE B 222 14.25 -16.96 22.24
CA PHE B 222 14.03 -18.36 21.79
C PHE B 222 14.94 -19.28 22.51
N ALA B 223 16.17 -18.87 22.77
CA ALA B 223 17.08 -19.69 23.52
C ALA B 223 16.61 -19.64 24.94
N LEU B 224 16.34 -18.47 25.41
CA LEU B 224 15.89 -18.43 26.74
C LEU B 224 14.73 -19.42 27.00
N TRP B 225 13.74 -19.52 26.09
CA TRP B 225 12.59 -20.37 26.26
C TRP B 225 13.22 -21.73 26.27
N GLN B 226 14.04 -22.00 25.30
CA GLN B 226 14.71 -23.25 25.47
C GLN B 226 15.30 -23.43 26.92
N GLU B 227 15.51 -22.42 27.72
CA GLU B 227 16.00 -22.87 28.99
C GLU B 227 14.85 -23.17 29.80
N LEU B 228 13.92 -22.23 29.76
CA LEU B 228 12.85 -22.36 30.69
C LEU B 228 12.25 -23.75 30.54
N GLN B 229 12.44 -24.33 29.37
CA GLN B 229 11.79 -25.61 29.18
C GLN B 229 12.57 -26.79 29.77
N LYS B 230 13.88 -26.68 29.56
CA LYS B 230 14.84 -27.64 30.00
C LYS B 230 14.78 -27.60 31.45
N PHE B 231 14.72 -26.38 31.95
CA PHE B 231 14.56 -26.28 33.38
C PHE B 231 13.23 -26.89 33.81
N ARG B 232 12.29 -26.89 32.89
CA ARG B 232 10.95 -27.37 33.17
C ARG B 232 10.84 -28.92 33.08
N GLY B 233 11.81 -29.51 32.39
CA GLY B 233 11.94 -30.94 32.29
C GLY B 233 12.02 -31.47 30.88
N HIS B 234 12.11 -30.61 29.85
CA HIS B 234 12.02 -31.01 28.41
C HIS B 234 13.22 -30.99 27.53
N ASP B 235 13.22 -31.73 26.45
CA ASP B 235 14.46 -31.76 25.72
C ASP B 235 14.37 -30.68 24.74
N PRO B 236 15.13 -29.65 24.95
CA PRO B 236 15.06 -28.47 24.07
C PRO B 236 14.92 -28.83 22.60
N ASN B 237 16.07 -29.25 22.03
CA ASN B 237 16.16 -29.68 20.60
C ASN B 237 15.00 -30.50 19.90
N GLU B 238 14.07 -31.13 20.67
CA GLU B 238 12.95 -31.79 20.00
C GLU B 238 11.68 -31.00 20.38
N VAL B 239 10.68 -31.13 19.50
CA VAL B 239 9.36 -30.53 19.71
C VAL B 239 8.27 -31.52 19.39
N ASN B 240 7.18 -31.42 20.18
CA ASN B 240 6.17 -32.44 20.22
C ASN B 240 5.18 -31.74 19.47
N CYS B 241 5.60 -31.08 18.41
CA CYS B 241 4.66 -30.30 17.68
C CYS B 241 4.94 -29.89 16.20
N ALA B 242 3.97 -29.70 15.40
CA ALA B 242 4.37 -29.24 14.07
C ALA B 242 5.38 -30.10 13.36
N LEU B 243 5.50 -31.37 13.71
CA LEU B 243 6.54 -32.13 13.11
C LEU B 243 6.40 -32.29 11.68
N GLU B 244 5.26 -31.95 11.14
CA GLU B 244 5.11 -32.05 9.69
C GLU B 244 6.12 -31.17 9.04
N MET B 245 6.34 -29.93 9.57
CA MET B 245 7.25 -29.00 8.92
C MET B 245 8.69 -28.81 9.55
N MET B 246 8.95 -29.45 10.67
CA MET B 246 10.22 -29.23 11.30
C MET B 246 11.31 -29.89 10.57
N ARG B 247 11.05 -30.40 9.35
CA ARG B 247 12.04 -31.18 8.58
C ARG B 247 12.11 -30.83 7.13
N GLU B 248 11.26 -29.89 6.76
CA GLU B 248 11.22 -29.33 5.41
C GLU B 248 12.29 -28.27 5.33
N PRO B 249 13.30 -28.50 4.53
CA PRO B 249 14.45 -27.57 4.36
C PRO B 249 14.04 -26.09 4.29
N LEU B 250 14.68 -25.24 5.03
CA LEU B 250 14.36 -23.85 4.83
C LEU B 250 15.00 -23.20 3.53
N LYS B 251 14.28 -22.36 2.76
CA LYS B 251 14.82 -21.70 1.53
C LYS B 251 15.28 -20.30 1.94
N PRO B 252 16.30 -19.77 1.31
CA PRO B 252 17.10 -20.44 0.32
C PRO B 252 18.32 -21.09 1.07
N PHE B 253 18.37 -20.87 2.37
CA PHE B 253 19.47 -21.46 3.00
C PHE B 253 19.73 -22.84 2.45
N SER B 254 18.74 -23.54 1.88
CA SER B 254 19.03 -24.90 1.40
C SER B 254 19.63 -24.95 -0.03
N PHE B 255 19.10 -24.12 -0.88
CA PHE B 255 19.65 -23.95 -2.19
C PHE B 255 21.20 -24.23 -2.21
N GLY B 256 21.98 -23.68 -1.32
CA GLY B 256 23.38 -23.87 -1.58
C GLY B 256 23.92 -22.94 -2.67
N ALA B 257 25.13 -23.18 -3.18
CA ALA B 257 25.58 -22.40 -4.35
C ALA B 257 24.58 -22.52 -5.54
N PRO B 258 24.42 -21.49 -6.35
CA PRO B 258 25.03 -20.19 -6.13
C PRO B 258 24.11 -19.21 -5.43
N TYR B 259 23.12 -19.61 -4.66
CA TYR B 259 22.53 -18.53 -3.94
C TYR B 259 22.91 -18.59 -2.48
N ASN B 260 23.65 -19.59 -2.03
CA ASN B 260 24.07 -19.56 -0.66
C ASN B 260 25.31 -20.21 -0.56
N LEU B 261 26.32 -19.38 -0.50
CA LEU B 261 27.69 -19.82 -0.56
C LEU B 261 28.08 -20.33 0.81
N ASN B 262 27.15 -20.22 1.76
CA ASN B 262 27.38 -20.73 3.10
C ASN B 262 27.03 -22.20 3.18
N PRO B 263 27.86 -22.98 3.81
CA PRO B 263 27.56 -24.42 3.93
C PRO B 263 26.93 -24.71 5.30
N THR B 264 27.23 -23.99 6.34
CA THR B 264 26.59 -24.49 7.53
C THR B 264 25.15 -24.17 7.53
N THR B 265 24.94 -23.05 6.90
CA THR B 265 23.67 -22.50 6.66
C THR B 265 22.82 -23.49 5.93
N LYS B 266 23.24 -23.94 4.75
CA LYS B 266 22.57 -25.02 4.02
C LYS B 266 22.55 -26.31 4.81
N GLU B 267 23.66 -26.98 4.95
CA GLU B 267 23.59 -28.26 5.65
C GLU B 267 22.69 -28.25 6.83
N HIS B 268 22.37 -27.11 7.42
CA HIS B 268 21.47 -27.25 8.53
C HIS B 268 20.16 -26.57 8.22
N SER B 269 19.61 -26.76 7.04
CA SER B 269 18.40 -26.07 6.66
C SER B 269 17.08 -26.63 7.29
N LYS B 270 17.15 -27.84 7.78
CA LYS B 270 16.01 -28.43 8.39
C LYS B 270 15.89 -27.87 9.85
N PRO B 271 14.80 -27.21 10.17
CA PRO B 271 14.57 -26.61 11.48
C PRO B 271 14.83 -27.54 12.64
N GLU B 272 14.47 -28.78 12.52
CA GLU B 272 14.78 -29.59 13.67
C GLU B 272 16.34 -29.45 13.89
N ASP B 273 17.14 -29.60 12.84
CA ASP B 273 18.55 -29.59 12.97
C ASP B 273 18.99 -28.22 13.40
N THR B 274 18.22 -27.34 14.02
CA THR B 274 18.85 -26.06 14.42
C THR B 274 18.49 -25.57 15.76
N PHE B 275 17.90 -26.44 16.55
CA PHE B 275 17.45 -26.02 17.85
C PHE B 275 18.61 -25.80 18.78
N ASP B 276 19.61 -26.72 18.71
CA ASP B 276 20.83 -26.58 19.50
C ASP B 276 21.88 -25.80 18.71
N TYR B 277 21.69 -24.47 18.79
CA TYR B 277 22.52 -23.47 18.15
C TYR B 277 23.90 -23.75 18.37
N LYS B 278 24.36 -23.75 19.63
CA LYS B 278 25.79 -23.85 19.88
C LYS B 278 26.20 -25.24 19.61
N GLY B 279 26.67 -25.65 18.46
CA GLY B 279 26.90 -27.07 18.33
C GLY B 279 26.83 -27.21 16.88
N HIS B 280 25.85 -26.48 16.43
CA HIS B 280 25.62 -26.37 15.02
C HIS B 280 26.19 -25.06 14.65
N PHE B 281 25.66 -24.01 15.24
CA PHE B 281 26.11 -22.70 14.95
C PHE B 281 27.04 -22.30 16.13
N HIS B 282 28.35 -22.18 15.94
CA HIS B 282 29.15 -21.84 17.10
C HIS B 282 28.83 -20.43 17.64
N TYR B 283 28.08 -20.29 18.74
CA TYR B 283 27.70 -18.99 19.22
C TYR B 283 26.85 -18.99 20.47
N GLU B 284 27.12 -18.18 21.45
CA GLU B 284 26.18 -18.23 22.50
C GLU B 284 25.70 -16.88 23.02
N TYR B 285 25.05 -16.83 24.18
CA TYR B 285 24.70 -15.53 24.71
C TYR B 285 25.32 -15.30 26.08
N ASP B 286 25.71 -14.04 26.25
CA ASP B 286 26.38 -13.56 27.46
C ASP B 286 25.52 -14.07 28.57
N HIS B 287 24.22 -13.94 28.36
CA HIS B 287 23.22 -14.23 29.37
C HIS B 287 21.93 -14.69 28.71
N LEU B 288 21.04 -15.36 29.44
CA LEU B 288 19.73 -15.74 28.90
C LEU B 288 18.86 -15.43 30.06
N GLU B 289 18.27 -14.23 30.07
CA GLU B 289 17.37 -13.78 31.16
C GLU B 289 16.58 -12.69 30.62
N LEU B 290 15.30 -12.64 30.93
CA LEU B 290 14.46 -11.56 30.43
C LEU B 290 14.47 -10.67 31.62
N GLN B 291 14.70 -9.37 31.39
CA GLN B 291 14.81 -8.36 32.49
C GLN B 291 15.79 -8.73 33.54
N GLY B 292 16.84 -9.40 33.13
CA GLY B 292 17.87 -9.89 34.04
C GLY B 292 17.43 -11.00 35.00
N MET B 293 16.33 -11.67 34.64
CA MET B 293 15.80 -12.67 35.59
C MET B 293 16.20 -14.08 35.17
N ASN B 294 16.64 -14.87 36.14
CA ASN B 294 17.09 -16.25 35.87
C ASN B 294 16.05 -17.10 35.26
N VAL B 295 16.55 -18.16 34.67
CA VAL B 295 15.62 -19.12 34.11
C VAL B 295 14.84 -19.62 35.31
N GLN B 296 15.55 -19.95 36.40
CA GLN B 296 14.79 -20.32 37.59
C GLN B 296 13.71 -19.26 37.93
N ARG B 297 14.16 -18.03 38.21
CA ARG B 297 13.25 -16.91 38.59
C ARG B 297 12.00 -16.76 37.68
N LEU B 298 12.16 -17.19 36.42
CA LEU B 298 11.12 -17.15 35.37
C LEU B 298 10.12 -18.24 35.77
N HIS B 299 10.64 -19.45 35.90
CA HIS B 299 9.83 -20.52 36.23
C HIS B 299 9.13 -20.12 37.49
N ASP B 300 9.66 -19.24 38.32
CA ASP B 300 8.97 -18.80 39.58
C ASP B 300 8.00 -17.69 39.25
N TYR B 301 8.42 -16.85 38.34
CA TYR B 301 7.66 -15.71 38.17
C TYR B 301 6.48 -16.21 37.54
N ILE B 302 6.57 -17.17 36.63
CA ILE B 302 5.34 -17.67 35.91
C ILE B 302 4.26 -18.28 36.81
N ASN B 303 4.60 -19.39 37.42
CA ASN B 303 3.65 -20.06 38.22
C ASN B 303 3.01 -19.00 39.07
N GLN B 304 3.72 -17.96 39.44
CA GLN B 304 3.14 -17.02 40.39
C GLN B 304 2.01 -16.34 39.77
N GLN B 305 2.00 -16.40 38.46
CA GLN B 305 1.03 -15.70 37.69
C GLN B 305 -0.08 -16.69 37.58
N LYS B 306 0.33 -17.94 37.44
CA LYS B 306 -0.64 -19.03 37.42
C LYS B 306 -1.43 -19.08 38.79
N GLU B 307 -1.81 -17.90 39.32
CA GLU B 307 -2.37 -17.85 40.67
C GLU B 307 -3.61 -17.07 40.83
N ALA B 308 -4.04 -16.49 39.73
CA ALA B 308 -5.24 -15.69 39.71
C ALA B 308 -6.08 -16.01 38.46
N ASP B 309 -7.36 -15.86 38.60
CA ASP B 309 -8.15 -15.90 37.40
C ASP B 309 -7.74 -14.69 36.48
N ARG B 310 -7.50 -15.02 35.19
CA ARG B 310 -7.12 -14.08 34.16
C ARG B 310 -8.19 -14.04 33.10
N VAL B 311 -7.99 -13.36 32.02
CA VAL B 311 -9.05 -13.34 31.03
C VAL B 311 -8.32 -12.96 29.67
N PHE B 312 -8.60 -13.58 28.52
CA PHE B 312 -7.81 -13.11 27.39
C PHE B 312 -8.68 -12.89 26.21
N ALA B 313 -8.26 -12.16 25.20
CA ALA B 313 -9.05 -12.02 24.03
C ALA B 313 -8.36 -13.01 23.13
N GLY B 314 -9.10 -13.51 22.13
CA GLY B 314 -8.61 -14.47 21.09
C GLY B 314 -8.54 -13.96 19.64
N PHE B 315 -7.37 -14.10 19.01
CA PHE B 315 -7.22 -13.57 17.69
C PHE B 315 -6.83 -14.60 16.61
N LEU B 316 -7.56 -14.67 15.50
CA LEU B 316 -7.22 -15.71 14.56
C LEU B 316 -6.45 -15.13 13.41
N LEU B 317 -5.20 -14.82 13.53
CA LEU B 317 -4.57 -14.01 12.48
C LEU B 317 -4.43 -14.66 11.13
N GLU B 318 -4.51 -13.95 9.98
CA GLU B 318 -4.35 -14.53 8.64
C GLU B 318 -3.44 -13.69 7.78
N GLY B 319 -3.40 -12.42 7.99
CA GLY B 319 -2.40 -11.75 7.19
C GLY B 319 -2.90 -11.29 5.83
N ILE B 320 -2.98 -9.97 5.68
CA ILE B 320 -3.44 -9.26 4.55
C ILE B 320 -2.59 -9.19 3.30
N GLY B 321 -1.40 -8.75 3.46
CA GLY B 321 -0.61 -8.57 2.29
C GLY B 321 0.23 -7.35 2.39
N THR B 322 0.08 -6.71 3.52
CA THR B 322 0.68 -5.42 3.83
C THR B 322 0.86 -5.43 5.32
N SER B 323 1.91 -4.86 5.85
CA SER B 323 1.99 -4.82 7.30
C SER B 323 0.98 -3.92 7.84
N ALA B 324 0.34 -4.32 8.90
CA ALA B 324 -0.78 -3.59 9.47
C ALA B 324 -0.59 -3.43 10.96
N HIS B 325 -1.51 -2.79 11.65
CA HIS B 325 -1.43 -2.75 13.10
C HIS B 325 -2.85 -2.60 13.71
N LEU B 326 -3.29 -3.51 14.59
CA LEU B 326 -4.63 -3.27 15.14
C LEU B 326 -4.64 -3.13 16.64
N ASP B 327 -5.56 -2.36 17.24
CA ASP B 327 -5.55 -2.27 18.68
C ASP B 327 -6.94 -2.41 19.01
N PHE B 328 -7.21 -3.19 20.02
CA PHE B 328 -8.55 -3.55 20.40
C PHE B 328 -8.87 -2.91 21.73
N SER B 329 -10.05 -2.34 21.80
CA SER B 329 -10.51 -1.84 23.11
C SER B 329 -11.45 -2.85 23.76
N ILE B 330 -12.46 -2.43 24.49
CA ILE B 330 -13.32 -3.38 25.15
C ILE B 330 -14.48 -2.69 25.75
N CYS B 331 -15.31 -2.09 24.93
CA CYS B 331 -16.51 -1.39 25.29
C CYS B 331 -17.52 -2.04 26.20
N ALA B 332 -18.12 -1.27 27.11
CA ALA B 332 -19.21 -1.78 28.00
C ALA B 332 -20.60 -1.88 27.31
N ILE B 333 -21.53 -2.56 27.94
CA ILE B 333 -22.84 -2.57 27.38
C ILE B 333 -23.22 -1.14 27.28
N ASP B 334 -22.59 -0.29 28.09
CA ASP B 334 -22.95 1.15 28.09
C ASP B 334 -22.80 1.81 26.72
N GLY B 335 -21.62 1.69 26.11
CA GLY B 335 -21.31 2.30 24.84
C GLY B 335 -19.99 3.02 25.12
N GLU B 336 -19.49 2.87 26.36
CA GLU B 336 -18.22 3.46 26.84
C GLU B 336 -17.14 2.39 26.63
N CYS B 337 -16.35 2.50 25.57
CA CYS B 337 -15.29 1.53 25.34
C CYS B 337 -14.10 1.89 26.16
N THR B 338 -13.07 1.06 26.12
CA THR B 338 -11.83 1.30 26.91
C THR B 338 -10.67 0.58 26.27
N HIS B 339 -9.64 1.29 25.83
CA HIS B 339 -8.50 0.63 25.19
C HIS B 339 -8.02 -0.55 25.98
N ALA B 340 -7.78 -1.70 25.38
CA ALA B 340 -7.37 -2.76 26.22
C ALA B 340 -6.03 -3.30 25.82
N GLY B 341 -5.71 -3.21 24.54
CA GLY B 341 -4.43 -3.75 24.08
C GLY B 341 -4.18 -3.58 22.59
N TYR B 342 -3.05 -4.08 22.06
CA TYR B 342 -2.78 -4.09 20.60
C TYR B 342 -1.65 -4.95 20.17
N PHE B 343 -1.45 -5.13 18.90
CA PHE B 343 -0.36 -5.90 18.40
C PHE B 343 -0.31 -5.51 17.00
N ASP B 344 0.74 -5.98 16.31
CA ASP B 344 0.83 -5.72 14.89
C ASP B 344 1.55 -6.76 14.02
N VAL B 345 1.09 -6.99 12.80
CA VAL B 345 1.80 -7.95 12.02
C VAL B 345 2.79 -7.40 11.04
N LEU B 346 3.38 -8.23 10.19
CA LEU B 346 4.39 -7.71 9.33
C LEU B 346 4.00 -8.30 8.11
N GLY B 347 3.25 -7.61 7.29
CA GLY B 347 2.74 -8.14 6.01
C GLY B 347 3.56 -7.70 4.79
N GLY B 348 3.00 -7.84 3.61
CA GLY B 348 3.82 -7.62 2.43
C GLY B 348 3.34 -8.22 1.16
N SER B 349 3.29 -7.40 0.15
CA SER B 349 2.75 -7.82 -1.11
C SER B 349 3.22 -9.16 -1.41
N LEU B 350 4.52 -9.37 -1.33
CA LEU B 350 5.15 -10.62 -1.73
C LEU B 350 5.18 -11.92 -0.83
N GLU B 351 4.34 -11.99 0.20
CA GLU B 351 4.34 -13.04 1.19
C GLU B 351 3.72 -14.36 0.71
N THR B 352 3.79 -15.40 1.50
CA THR B 352 3.11 -16.62 1.19
C THR B 352 2.10 -16.61 2.29
N PRO B 353 0.88 -16.68 1.86
CA PRO B 353 -0.31 -16.55 2.66
C PRO B 353 -0.14 -17.47 3.80
N TRP B 354 -0.63 -17.09 4.96
CA TRP B 354 -0.54 -17.99 6.03
C TRP B 354 -1.67 -17.67 6.98
N GLN B 355 -2.06 -18.53 7.95
CA GLN B 355 -3.03 -18.27 9.02
C GLN B 355 -2.50 -19.13 10.14
N PHE B 356 -2.58 -18.78 11.42
CA PHE B 356 -1.97 -19.56 12.49
C PHE B 356 -2.95 -20.60 12.76
N ASP B 357 -2.53 -21.79 13.21
CA ASP B 357 -3.41 -22.89 13.30
C ASP B 357 -4.08 -22.67 14.52
N ARG B 358 -3.76 -21.73 15.39
CA ARG B 358 -4.49 -21.64 16.65
C ARG B 358 -4.74 -20.29 16.95
N LEU B 359 -5.41 -19.89 18.02
CA LEU B 359 -5.56 -18.43 18.29
C LEU B 359 -4.32 -17.78 18.87
N TYR B 360 -4.10 -16.48 18.65
CA TYR B 360 -3.06 -15.70 19.40
C TYR B 360 -3.68 -15.02 20.62
N LYS B 361 -3.33 -15.38 21.86
CA LYS B 361 -4.07 -14.84 23.00
C LYS B 361 -3.47 -13.54 23.48
N TYR B 362 -4.15 -12.78 24.34
CA TYR B 362 -3.60 -11.52 24.80
C TYR B 362 -4.45 -11.17 25.96
N GLU B 363 -3.91 -11.23 27.15
CA GLU B 363 -4.63 -11.00 28.39
C GLU B 363 -5.33 -9.63 28.55
N ILE B 364 -6.57 -9.59 29.10
CA ILE B 364 -7.26 -8.31 29.47
C ILE B 364 -7.80 -8.22 30.94
N THR B 365 -7.33 -9.16 31.73
CA THR B 365 -7.76 -9.13 33.07
C THR B 365 -7.74 -7.68 33.62
N ASP B 366 -6.56 -7.06 33.61
CA ASP B 366 -6.34 -5.81 34.30
C ASP B 366 -7.39 -4.79 33.82
N VAL B 367 -7.30 -4.47 32.54
CA VAL B 367 -8.14 -3.43 31.98
C VAL B 367 -9.56 -3.76 32.41
N LEU B 368 -9.86 -5.06 32.39
CA LEU B 368 -11.21 -5.41 32.82
C LEU B 368 -11.41 -4.92 34.32
N GLU B 369 -10.57 -5.40 35.21
CA GLU B 369 -10.67 -5.10 36.62
C GLU B 369 -10.85 -3.57 36.81
N SER B 370 -9.99 -2.81 36.18
CA SER B 370 -10.07 -1.38 36.39
C SER B 370 -11.24 -0.77 35.63
N LYS B 371 -12.41 -1.35 35.82
CA LYS B 371 -13.56 -0.96 35.06
C LYS B 371 -14.76 -1.68 35.65
N GLY B 372 -14.53 -2.40 36.73
CA GLY B 372 -15.59 -3.08 37.47
C GLY B 372 -16.35 -3.98 36.54
N LEU B 373 -15.61 -5.00 36.07
CA LEU B 373 -16.04 -6.00 35.14
C LEU B 373 -15.26 -7.31 35.32
N ASP B 374 -15.92 -8.42 35.03
CA ASP B 374 -15.28 -9.73 35.04
C ASP B 374 -15.93 -10.66 33.98
N VAL B 375 -15.26 -11.78 33.75
CA VAL B 375 -15.65 -12.72 32.70
C VAL B 375 -17.18 -12.98 32.68
N HIS B 376 -17.88 -12.96 33.81
CA HIS B 376 -19.33 -13.30 33.68
C HIS B 376 -20.16 -12.07 33.30
N ASP B 377 -19.62 -10.89 33.56
CA ASP B 377 -20.42 -9.71 33.31
C ASP B 377 -20.52 -9.43 31.85
N VAL B 378 -21.48 -8.68 31.38
CA VAL B 378 -21.61 -8.42 29.93
C VAL B 378 -20.69 -7.38 29.26
N PHE B 379 -19.78 -7.81 28.39
CA PHE B 379 -18.98 -6.78 27.70
C PHE B 379 -18.65 -7.16 26.35
N ASP B 380 -18.68 -6.19 25.45
CA ASP B 380 -18.29 -6.41 24.06
C ASP B 380 -16.81 -6.06 23.72
N ILE B 381 -16.30 -6.20 22.49
CA ILE B 381 -14.90 -6.00 22.37
C ILE B 381 -14.63 -5.73 20.98
N LYS B 382 -14.03 -4.57 20.69
CA LYS B 382 -13.91 -3.99 19.32
C LYS B 382 -12.54 -3.84 18.80
N ILE B 383 -12.34 -3.88 17.48
CA ILE B 383 -10.98 -3.73 16.91
C ILE B 383 -10.91 -2.65 15.85
N THR B 384 -9.70 -2.14 15.57
CA THR B 384 -9.49 -1.16 14.52
C THR B 384 -8.17 -1.40 13.85
N GLN B 385 -8.12 -1.78 12.55
CA GLN B 385 -6.85 -2.12 11.80
C GLN B 385 -6.41 -0.99 10.98
N THR B 386 -5.13 -0.59 11.11
CA THR B 386 -4.56 0.43 10.27
C THR B 386 -3.30 0.02 9.58
N SER B 387 -3.12 0.38 8.32
CA SER B 387 -1.88 0.13 7.61
C SER B 387 -0.79 1.01 8.09
N TRP B 388 0.45 0.65 7.77
CA TRP B 388 1.61 1.46 8.20
C TRP B 388 1.45 2.86 7.62
N ASP B 389 1.05 2.95 6.36
CA ASP B 389 0.75 4.21 5.75
C ASP B 389 -0.69 4.48 6.08
N ASN B 390 -0.95 5.31 7.08
CA ASN B 390 -2.35 5.59 7.57
C ASN B 390 -3.56 5.26 6.67
N GLU B 391 -4.15 4.05 6.79
CA GLU B 391 -5.17 3.59 5.86
C GLU B 391 -6.07 2.53 6.53
N ASP B 392 -7.16 2.97 7.14
CA ASP B 392 -8.01 2.07 7.89
C ASP B 392 -8.26 0.82 7.10
N ILE B 393 -8.09 -0.34 7.72
CA ILE B 393 -8.27 -1.60 7.04
C ILE B 393 -9.58 -2.13 7.45
N SER B 394 -10.36 -2.52 6.45
CA SER B 394 -11.77 -3.01 6.68
C SER B 394 -11.71 -4.21 7.58
N THR B 395 -12.35 -4.16 8.73
CA THR B 395 -12.18 -5.34 9.57
C THR B 395 -13.47 -6.15 9.48
N ASP B 396 -14.25 -5.82 8.49
CA ASP B 396 -15.57 -6.39 8.39
C ASP B 396 -15.45 -7.87 8.31
N ARG B 397 -14.53 -8.34 7.46
CA ARG B 397 -14.30 -9.77 7.22
C ARG B 397 -13.09 -10.14 8.12
N PHE B 398 -13.32 -10.28 9.42
CA PHE B 398 -12.18 -10.56 10.28
C PHE B 398 -12.93 -11.22 11.40
N PRO B 399 -12.66 -12.50 11.57
CA PRO B 399 -13.40 -13.36 12.47
C PRO B 399 -13.25 -12.64 13.76
N PRO B 400 -14.32 -12.44 14.45
CA PRO B 400 -14.32 -11.67 15.67
C PRO B 400 -13.45 -12.35 16.73
N PRO B 401 -12.88 -11.56 17.63
CA PRO B 401 -12.06 -12.03 18.71
C PRO B 401 -12.92 -12.73 19.71
N SER B 402 -12.41 -13.83 20.30
CA SER B 402 -13.16 -14.63 21.24
C SER B 402 -12.62 -14.24 22.54
N VAL B 403 -13.34 -14.45 23.58
CA VAL B 403 -12.87 -14.04 24.84
C VAL B 403 -12.82 -15.20 25.76
N ILE B 404 -11.61 -15.63 26.13
CA ILE B 404 -11.41 -16.74 27.06
C ILE B 404 -11.43 -16.50 28.59
N TYR B 405 -11.51 -17.61 29.32
CA TYR B 405 -11.31 -17.46 30.75
C TYR B 405 -10.45 -18.62 31.26
N VAL B 406 -9.32 -18.25 31.85
CA VAL B 406 -8.34 -19.17 32.32
C VAL B 406 -8.27 -19.03 33.80
N PRO B 407 -8.79 -20.05 34.48
CA PRO B 407 -8.82 -20.20 35.89
C PRO B 407 -7.45 -20.33 36.47
N LYS B 408 -7.30 -21.34 37.33
CA LYS B 408 -6.11 -21.73 38.14
C LYS B 408 -5.95 -20.69 39.17
N GLY C 1 16.50 -9.69 -51.96
CA GLY C 1 16.81 -11.18 -51.97
C GLY C 1 17.29 -11.60 -53.36
N HIS C 2 16.63 -12.65 -53.86
CA HIS C 2 16.77 -13.07 -55.31
C HIS C 2 16.09 -12.12 -56.32
N ARG C 3 15.09 -11.50 -55.75
CA ARG C 3 14.25 -10.59 -56.45
C ARG C 3 13.84 -9.30 -55.60
N ASN C 4 12.59 -12.99 -54.72
CA ASN C 4 12.54 -13.49 -53.33
C ASN C 4 12.86 -12.31 -52.48
N LEU C 5 11.99 -12.08 -51.45
CA LEU C 5 12.16 -10.95 -50.53
C LEU C 5 12.99 -11.54 -49.53
N VAL C 6 13.89 -10.74 -48.97
CA VAL C 6 14.75 -11.36 -48.00
C VAL C 6 14.33 -10.94 -46.59
N ARG C 7 14.23 -11.95 -45.71
CA ARG C 7 13.86 -11.67 -44.34
C ARG C 7 15.14 -11.76 -43.54
N LYS C 8 15.42 -10.72 -42.71
CA LYS C 8 16.68 -10.56 -41.98
C LYS C 8 16.50 -10.20 -40.54
N SER C 9 17.58 -10.32 -39.80
CA SER C 9 17.48 -9.86 -38.40
C SER C 9 16.94 -8.44 -38.28
N VAL C 10 15.83 -8.21 -37.61
CA VAL C 10 15.42 -6.81 -37.40
C VAL C 10 16.61 -6.06 -36.93
N ARG C 11 17.60 -6.75 -36.33
CA ARG C 11 18.85 -6.09 -35.89
C ARG C 11 19.72 -5.51 -37.04
N ASN C 12 20.30 -6.33 -37.94
CA ASN C 12 21.21 -5.85 -39.00
C ASN C 12 20.54 -5.24 -40.16
N LEU C 13 19.53 -4.45 -39.88
CA LEU C 13 18.78 -3.79 -40.92
C LEU C 13 19.49 -2.51 -41.29
N SER C 14 18.98 -1.89 -42.35
CA SER C 14 19.55 -0.65 -42.85
C SER C 14 18.69 0.43 -42.41
N PRO C 15 19.38 1.48 -42.06
CA PRO C 15 18.75 2.74 -41.64
C PRO C 15 17.67 3.00 -42.61
N ALA C 16 17.89 2.61 -43.86
CA ALA C 16 16.93 2.74 -44.92
C ALA C 16 15.89 1.58 -44.82
N GLU C 17 16.42 0.38 -44.66
CA GLU C 17 15.54 -0.76 -44.62
C GLU C 17 14.51 -0.45 -43.54
N ARG C 18 15.05 -0.03 -42.41
CA ARG C 18 14.26 0.23 -41.24
C ARG C 18 13.25 1.29 -41.60
N ALA C 19 13.79 2.40 -42.05
CA ALA C 19 12.88 3.47 -42.37
C ALA C 19 11.74 2.91 -43.18
N SER C 20 12.03 2.06 -44.16
CA SER C 20 10.93 1.76 -44.99
C SER C 20 9.85 1.10 -44.15
N LEU C 21 10.24 0.10 -43.33
CA LEU C 21 9.31 -0.65 -42.51
C LEU C 21 8.56 0.24 -41.58
N VAL C 22 9.23 1.31 -41.16
CA VAL C 22 8.55 2.20 -40.26
C VAL C 22 7.39 2.86 -40.95
N ALA C 23 7.66 3.44 -42.11
CA ALA C 23 6.59 4.14 -42.77
C ALA C 23 5.62 3.08 -43.23
N ALA C 24 6.15 1.95 -43.58
CA ALA C 24 5.27 0.98 -44.12
C ALA C 24 4.14 0.64 -43.19
N LEU C 25 4.40 0.03 -42.05
CA LEU C 25 3.32 -0.36 -41.16
C LEU C 25 2.54 0.83 -40.71
N LYS C 26 3.22 1.95 -40.67
CA LYS C 26 2.60 3.19 -40.21
C LYS C 26 1.39 3.46 -41.05
N SER C 27 1.60 3.19 -42.33
CA SER C 27 0.54 3.28 -43.28
C SER C 27 -0.38 2.13 -43.05
N LEU C 28 0.21 0.96 -43.03
CA LEU C 28 -0.51 -0.27 -42.92
C LEU C 28 -1.47 -0.13 -41.78
N GLN C 29 -1.00 0.50 -40.73
CA GLN C 29 -1.83 0.60 -39.55
C GLN C 29 -3.14 1.25 -39.84
N GLU C 30 -3.18 2.26 -40.69
CA GLU C 30 -4.49 2.85 -40.86
C GLU C 30 -5.10 2.60 -42.16
N ASP C 31 -4.94 1.35 -42.54
CA ASP C 31 -5.45 0.85 -43.79
C ASP C 31 -6.71 0.08 -43.50
N SER C 32 -7.82 0.79 -43.45
CA SER C 32 -9.09 0.22 -43.07
C SER C 32 -9.59 -0.88 -43.99
N SER C 33 -8.75 -1.22 -44.95
CA SER C 33 -8.98 -2.24 -46.00
C SER C 33 -9.09 -3.62 -45.45
N ALA C 34 -9.80 -4.47 -46.18
CA ALA C 34 -9.93 -5.84 -45.70
C ALA C 34 -8.56 -6.48 -45.43
N ASP C 35 -7.61 -6.15 -46.24
CA ASP C 35 -6.30 -6.64 -46.06
C ASP C 35 -5.49 -5.57 -45.39
N GLY C 36 -6.17 -4.72 -44.65
CA GLY C 36 -5.48 -3.73 -43.84
C GLY C 36 -5.12 -4.29 -42.46
N PHE C 37 -4.07 -3.72 -41.93
CA PHE C 37 -3.65 -4.20 -40.68
C PHE C 37 -4.82 -4.71 -39.92
N GLN C 38 -5.30 -3.82 -39.06
CA GLN C 38 -6.39 -4.11 -38.22
C GLN C 38 -7.39 -5.28 -38.61
N SER C 39 -7.57 -5.66 -39.86
CA SER C 39 -8.50 -6.78 -40.11
C SER C 39 -7.70 -8.02 -40.19
N LEU C 40 -6.43 -7.88 -40.54
CA LEU C 40 -5.55 -9.03 -40.55
C LEU C 40 -5.49 -9.64 -39.11
N ALA C 41 -5.38 -8.71 -38.17
CA ALA C 41 -5.44 -9.09 -36.77
C ALA C 41 -6.66 -9.93 -36.49
N SER C 42 -7.81 -9.48 -36.92
CA SER C 42 -8.95 -10.31 -36.69
C SER C 42 -8.76 -11.72 -37.20
N PHE C 43 -7.68 -12.06 -37.91
CA PHE C 43 -7.56 -13.49 -38.27
C PHE C 43 -7.22 -14.45 -37.07
N HIS C 44 -6.05 -14.18 -36.50
CA HIS C 44 -5.46 -14.97 -35.47
C HIS C 44 -6.35 -15.26 -34.33
N ALA C 45 -7.16 -14.29 -33.89
CA ALA C 45 -8.15 -14.55 -32.79
C ALA C 45 -9.48 -13.65 -32.75
N GLN C 46 -9.41 -12.51 -32.03
CA GLN C 46 -10.55 -11.65 -31.90
C GLN C 46 -10.47 -10.44 -32.80
N PRO C 47 -11.60 -10.09 -33.43
CA PRO C 47 -12.85 -10.84 -33.36
C PRO C 47 -12.67 -12.05 -34.16
N PRO C 48 -13.28 -13.12 -33.75
CA PRO C 48 -13.08 -14.41 -34.36
C PRO C 48 -13.92 -14.45 -35.59
N LEU C 49 -13.67 -15.40 -36.45
CA LEU C 49 -14.43 -15.48 -37.65
C LEU C 49 -13.93 -16.72 -38.31
N CYS C 50 -14.24 -17.92 -37.80
CA CYS C 50 -13.60 -19.06 -38.43
C CYS C 50 -14.44 -20.20 -39.00
N PRO C 51 -15.33 -20.65 -38.14
CA PRO C 51 -16.24 -21.72 -38.56
C PRO C 51 -16.76 -21.16 -39.90
N ALA C 52 -16.81 -19.82 -39.99
CA ALA C 52 -17.31 -19.03 -41.11
C ALA C 52 -16.93 -17.71 -40.46
N PRO C 53 -17.08 -16.57 -41.14
CA PRO C 53 -16.74 -15.29 -40.54
C PRO C 53 -17.97 -14.78 -39.90
N ALA C 54 -19.05 -15.54 -39.88
CA ALA C 54 -20.30 -15.14 -39.18
C ALA C 54 -21.44 -16.20 -39.20
N ALA C 55 -21.15 -17.35 -38.58
CA ALA C 55 -22.15 -18.40 -38.55
C ALA C 55 -22.77 -18.48 -37.15
N ASN C 56 -22.68 -19.60 -36.45
CA ASN C 56 -23.33 -19.60 -35.14
C ASN C 56 -22.39 -19.13 -34.00
N LYS C 57 -21.66 -20.08 -33.43
CA LYS C 57 -20.67 -19.77 -32.43
C LYS C 57 -19.37 -19.62 -33.19
N ALA C 58 -18.83 -18.43 -33.03
CA ALA C 58 -17.59 -18.07 -33.69
C ALA C 58 -16.29 -18.63 -33.04
N PHE C 59 -15.79 -19.83 -33.37
CA PHE C 59 -14.47 -20.16 -32.75
C PHE C 59 -13.41 -19.32 -33.44
N ALA C 60 -12.39 -18.80 -32.73
CA ALA C 60 -11.27 -18.09 -33.39
C ALA C 60 -10.29 -19.03 -34.16
N CYS C 61 -9.55 -18.54 -35.17
CA CYS C 61 -8.59 -19.44 -35.87
C CYS C 61 -7.24 -19.16 -35.74
N CYS C 62 -6.56 -20.21 -36.06
CA CYS C 62 -5.14 -20.18 -35.93
C CYS C 62 -4.81 -21.51 -35.37
N VAL C 63 -4.85 -22.49 -36.25
CA VAL C 63 -4.38 -23.78 -35.88
C VAL C 63 -3.25 -23.67 -34.76
N HIS C 64 -3.70 -23.83 -33.50
CA HIS C 64 -2.93 -23.87 -32.29
C HIS C 64 -3.20 -25.22 -31.66
N GLY C 65 -2.22 -25.82 -31.06
CA GLY C 65 -2.38 -27.14 -30.51
C GLY C 65 -2.49 -28.25 -31.53
N MET C 66 -2.26 -27.98 -32.80
CA MET C 66 -2.37 -29.04 -33.82
C MET C 66 -1.12 -29.13 -34.80
N ALA C 67 -1.06 -30.18 -35.64
CA ALA C 67 0.10 -30.30 -36.56
C ALA C 67 0.19 -29.16 -37.53
N THR C 68 -0.97 -28.84 -38.13
CA THR C 68 -1.12 -27.90 -39.23
C THR C 68 -0.97 -26.56 -38.75
N PHE C 69 -0.33 -26.38 -37.60
CA PHE C 69 0.01 -25.04 -36.97
C PHE C 69 0.96 -24.12 -37.70
N PRO C 70 2.21 -24.51 -37.88
CA PRO C 70 3.17 -23.70 -38.59
C PRO C 70 2.59 -23.28 -39.98
N GLU C 71 2.02 -24.23 -40.74
CA GLU C 71 1.48 -23.84 -42.01
C GLU C 71 0.54 -22.67 -41.88
N TRP C 72 -0.39 -22.77 -40.98
CA TRP C 72 -1.22 -21.60 -40.77
C TRP C 72 -0.37 -20.35 -40.55
N HIS C 73 0.28 -20.26 -39.42
CA HIS C 73 1.10 -19.13 -39.14
C HIS C 73 2.09 -18.74 -40.26
N ARG C 74 2.60 -19.71 -41.00
CA ARG C 74 3.48 -19.34 -42.11
C ARG C 74 2.69 -18.40 -43.12
N LEU C 75 1.51 -18.83 -43.54
CA LEU C 75 0.70 -17.99 -44.37
C LEU C 75 0.51 -16.61 -43.68
N TYR C 76 0.47 -16.60 -42.37
CA TYR C 76 0.11 -15.36 -41.78
C TYR C 76 1.24 -14.43 -41.94
N THR C 77 2.48 -14.81 -41.71
CA THR C 77 3.49 -13.76 -41.81
C THR C 77 3.45 -13.18 -43.18
N VAL C 78 3.56 -14.03 -44.18
CA VAL C 78 3.43 -13.56 -45.57
C VAL C 78 2.18 -12.75 -45.79
N GLN C 79 1.10 -13.16 -45.20
CA GLN C 79 -0.11 -12.36 -45.30
C GLN C 79 0.09 -10.93 -44.79
N PHE C 80 1.19 -10.78 -44.05
CA PHE C 80 1.61 -9.52 -43.49
C PHE C 80 2.69 -8.90 -44.38
N GLU C 81 3.43 -9.75 -45.12
CA GLU C 81 4.52 -9.26 -46.01
C GLU C 81 3.86 -8.69 -47.22
N ASP C 82 3.21 -9.61 -47.95
CA ASP C 82 2.39 -9.28 -49.12
C ASP C 82 1.45 -8.21 -48.58
N ALA C 83 1.91 -7.43 -47.61
CA ALA C 83 1.06 -6.45 -46.96
C ALA C 83 1.93 -5.25 -46.60
N LEU C 84 3.22 -5.47 -46.53
CA LEU C 84 4.07 -4.37 -46.16
C LEU C 84 4.57 -3.67 -47.41
N ARG C 85 4.67 -4.48 -48.46
CA ARG C 85 5.23 -3.99 -49.70
C ARG C 85 4.06 -3.29 -50.31
N ARG C 86 2.90 -3.45 -49.68
CA ARG C 86 1.72 -2.71 -50.16
C ARG C 86 2.00 -1.31 -49.80
N HIS C 87 2.99 -1.17 -48.93
CA HIS C 87 3.32 0.16 -48.47
C HIS C 87 4.84 0.28 -48.67
N GLY C 88 5.33 -0.40 -49.69
CA GLY C 88 6.74 -0.29 -50.02
C GLY C 88 7.70 -0.80 -48.95
N SER C 89 7.36 -1.89 -48.31
CA SER C 89 8.31 -2.45 -47.40
C SER C 89 9.55 -2.88 -48.23
N VAL C 90 10.36 -1.96 -48.72
CA VAL C 90 11.59 -2.38 -49.39
C VAL C 90 12.11 -3.79 -49.05
N VAL C 91 11.76 -4.38 -47.93
CA VAL C 91 12.22 -5.68 -47.61
C VAL C 91 11.14 -6.58 -46.94
N GLY C 92 11.54 -7.82 -46.64
CA GLY C 92 10.71 -8.85 -46.07
C GLY C 92 10.77 -8.75 -44.58
N ILE C 93 9.58 -8.86 -43.99
CA ILE C 93 9.34 -8.73 -42.59
C ILE C 93 10.42 -9.41 -41.87
N PRO C 94 11.21 -8.60 -41.21
CA PRO C 94 12.41 -8.98 -40.50
C PRO C 94 12.22 -9.95 -39.29
N TYR C 95 13.25 -10.69 -38.86
CA TYR C 95 13.03 -11.53 -37.71
C TYR C 95 13.80 -11.14 -36.36
N TRP C 96 13.20 -11.37 -35.17
CA TRP C 96 13.77 -10.91 -33.90
C TRP C 96 14.20 -12.12 -33.25
N ASP C 97 15.37 -12.60 -33.55
CA ASP C 97 15.69 -13.96 -33.13
C ASP C 97 15.93 -13.98 -31.70
N THR C 98 14.91 -14.18 -30.86
CA THR C 98 15.02 -14.43 -29.41
C THR C 98 15.97 -15.61 -29.00
N VAL C 99 16.36 -16.44 -29.95
CA VAL C 99 17.16 -17.57 -29.59
C VAL C 99 18.53 -17.25 -29.08
N VAL C 100 18.73 -16.11 -28.57
CA VAL C 100 20.06 -15.91 -28.11
C VAL C 100 20.04 -14.82 -27.11
N PRO C 101 20.94 -14.90 -26.19
CA PRO C 101 20.82 -14.06 -25.05
C PRO C 101 20.79 -12.64 -25.53
N GLN C 102 19.70 -11.88 -25.36
CA GLN C 102 19.77 -10.47 -25.83
C GLN C 102 19.88 -9.44 -24.73
N GLU C 103 21.08 -9.07 -24.33
CA GLU C 103 21.15 -8.07 -23.28
C GLU C 103 20.23 -6.87 -23.57
N ASP C 104 20.71 -5.96 -24.36
CA ASP C 104 19.90 -4.82 -24.73
C ASP C 104 18.72 -5.30 -25.56
N LEU C 105 17.60 -4.60 -25.54
CA LEU C 105 16.45 -5.02 -26.38
C LEU C 105 16.41 -4.42 -27.83
N PRO C 106 16.16 -5.20 -28.87
CA PRO C 106 16.18 -4.59 -30.19
C PRO C 106 15.38 -3.28 -30.27
N ALA C 107 16.12 -2.22 -30.60
CA ALA C 107 15.53 -0.87 -30.76
C ALA C 107 14.49 -0.71 -31.92
N PHE C 108 14.51 -1.66 -32.84
CA PHE C 108 13.61 -1.55 -33.95
C PHE C 108 12.17 -1.45 -33.38
N PHE C 109 11.88 -2.12 -32.28
CA PHE C 109 10.50 -2.14 -31.87
C PHE C 109 10.29 -1.69 -30.45
N ASN C 110 11.37 -1.23 -29.85
CA ASN C 110 11.29 -0.70 -28.48
C ASN C 110 11.09 0.83 -28.31
N ASP C 111 11.77 1.62 -29.16
CA ASP C 111 11.61 3.04 -29.26
C ASP C 111 10.14 3.44 -29.38
N GLU C 112 9.73 4.51 -28.70
CA GLU C 112 8.35 4.94 -28.78
C GLU C 112 8.23 6.20 -29.65
N ILE C 113 9.39 6.64 -30.12
CA ILE C 113 9.47 7.81 -30.95
C ILE C 113 10.45 7.41 -32.00
N TRP C 114 10.59 8.28 -33.01
CA TRP C 114 11.47 8.05 -34.17
C TRP C 114 11.67 9.34 -35.01
N ASP C 115 12.84 9.93 -34.89
CA ASP C 115 13.04 11.20 -35.51
C ASP C 115 13.48 11.08 -36.94
N ASP C 116 12.54 11.09 -37.88
CA ASP C 116 12.85 10.96 -39.29
C ASP C 116 13.24 12.37 -39.68
N ALA C 117 13.73 13.05 -38.66
CA ALA C 117 14.21 14.42 -38.70
C ALA C 117 15.65 14.46 -39.22
N LEU C 118 15.76 14.46 -40.55
CA LEU C 118 16.99 14.46 -41.34
C LEU C 118 16.12 14.54 -42.55
N PHE C 119 15.17 13.62 -42.57
CA PHE C 119 14.09 13.63 -43.53
C PHE C 119 12.90 14.33 -42.84
N HIS C 120 11.73 14.29 -43.50
CA HIS C 120 10.52 14.94 -43.01
C HIS C 120 9.56 13.98 -42.30
N ALA C 121 9.84 13.73 -41.03
CA ALA C 121 9.02 12.81 -40.25
C ALA C 121 9.54 12.79 -38.80
N ASN C 122 8.65 12.76 -37.81
CA ASN C 122 9.09 12.77 -36.44
C ASN C 122 8.05 12.32 -35.51
N PHE C 123 7.80 11.01 -35.44
CA PHE C 123 6.87 10.50 -34.42
C PHE C 123 7.04 9.06 -33.83
N THR C 124 5.92 8.45 -33.42
CA THR C 124 5.88 7.13 -32.76
C THR C 124 6.34 5.93 -33.62
N ASN C 125 7.07 4.99 -32.98
CA ASN C 125 7.49 3.85 -33.74
C ASN C 125 6.33 2.90 -33.93
N PRO C 126 5.68 3.02 -35.05
CA PRO C 126 4.48 2.22 -35.24
C PRO C 126 4.82 0.78 -34.93
N PHE C 127 6.05 0.40 -35.19
CA PHE C 127 6.46 -0.92 -34.84
C PHE C 127 6.71 -0.88 -33.32
N ASN C 128 5.83 -0.25 -32.51
CA ASN C 128 6.00 -0.29 -31.04
C ASN C 128 4.66 -0.31 -30.38
N GLY C 129 3.59 -0.31 -31.12
CA GLY C 129 2.29 -0.43 -30.54
C GLY C 129 1.21 -0.28 -31.58
N ALA C 130 0.07 -0.84 -31.29
CA ALA C 130 -1.05 -0.61 -32.14
C ALA C 130 -2.26 -0.41 -31.20
N ASP C 131 -3.46 -0.23 -31.76
CA ASP C 131 -4.62 -0.02 -30.94
C ASP C 131 -5.59 -1.11 -31.26
N ILE C 132 -6.06 -1.85 -30.27
CA ILE C 132 -7.14 -2.79 -30.53
C ILE C 132 -8.50 -2.07 -30.81
N ASP C 133 -8.99 -2.18 -32.04
CA ASP C 133 -10.19 -1.51 -32.43
C ASP C 133 -11.45 -1.96 -31.65
N PHE C 134 -12.09 -3.04 -32.07
CA PHE C 134 -13.36 -3.37 -31.45
C PHE C 134 -13.18 -3.27 -29.97
N ASN C 135 -12.37 -4.18 -29.41
CA ASN C 135 -11.97 -4.11 -27.99
C ASN C 135 -11.14 -2.83 -27.81
N HIS C 136 -11.83 -1.70 -27.64
CA HIS C 136 -11.12 -0.40 -27.65
C HIS C 136 -10.08 -0.10 -26.55
N GLN C 137 -8.93 -0.79 -26.59
CA GLN C 137 -7.83 -0.58 -25.62
C GLN C 137 -6.49 -0.58 -26.36
N LYS C 138 -5.41 -0.55 -25.59
CA LYS C 138 -4.10 -0.50 -26.23
C LYS C 138 -3.25 -1.72 -25.92
N ILE C 139 -2.76 -2.41 -26.94
CA ILE C 139 -1.80 -3.45 -26.66
C ILE C 139 -0.66 -2.75 -26.03
N ALA C 140 -0.33 -3.21 -24.83
CA ALA C 140 0.78 -2.64 -24.11
C ALA C 140 1.49 -3.81 -23.55
N ARG C 141 2.64 -4.18 -24.06
CA ARG C 141 3.35 -5.30 -23.52
C ARG C 141 3.94 -4.95 -22.15
N ASP C 142 4.19 -6.02 -21.41
CA ASP C 142 4.77 -6.01 -20.08
C ASP C 142 5.88 -7.00 -20.14
N ILE C 143 6.96 -6.64 -20.80
CA ILE C 143 8.04 -7.58 -20.96
C ILE C 143 8.34 -8.25 -19.64
N ASN C 144 8.14 -7.45 -18.63
CA ASN C 144 8.37 -7.94 -17.23
C ASN C 144 9.72 -8.78 -17.03
N VAL C 145 9.76 -9.93 -17.74
CA VAL C 145 10.89 -10.82 -17.80
C VAL C 145 11.63 -10.31 -18.98
N ASP C 146 12.81 -9.77 -18.69
CA ASP C 146 13.85 -9.44 -19.60
C ASP C 146 14.86 -10.49 -19.12
N LYS C 147 14.44 -11.59 -18.56
CA LYS C 147 15.46 -12.57 -18.44
C LYS C 147 15.28 -13.47 -19.69
N LEU C 148 15.23 -12.81 -20.85
CA LEU C 148 15.26 -13.46 -22.17
C LEU C 148 16.64 -13.02 -22.69
N ALA C 149 17.42 -12.64 -21.70
CA ALA C 149 18.84 -12.24 -21.77
C ALA C 149 19.56 -13.07 -20.66
N LYS C 150 19.02 -14.29 -20.49
CA LYS C 150 19.35 -15.12 -19.38
C LYS C 150 20.43 -16.17 -19.60
N GLU C 151 20.08 -17.38 -19.18
CA GLU C 151 21.04 -18.50 -18.98
C GLU C 151 22.02 -18.84 -20.05
N GLY C 152 22.66 -19.98 -19.88
CA GLY C 152 23.66 -20.42 -20.80
C GLY C 152 24.84 -20.88 -19.98
N PRO C 153 24.65 -22.02 -19.27
CA PRO C 153 25.59 -22.52 -18.25
C PRO C 153 26.84 -22.59 -18.97
N LYS C 154 26.69 -22.65 -20.30
CA LYS C 154 27.81 -22.57 -21.19
C LYS C 154 27.68 -21.36 -22.10
N GLY C 155 26.77 -20.43 -21.84
CA GLY C 155 26.76 -19.29 -22.76
C GLY C 155 25.68 -19.50 -23.77
N TYR C 156 25.96 -20.10 -24.95
CA TYR C 156 24.86 -20.52 -25.89
C TYR C 156 23.87 -21.57 -25.27
N ASP C 157 24.29 -22.24 -24.20
CA ASP C 157 23.47 -23.21 -23.59
C ASP C 157 22.19 -22.62 -23.01
N THR C 158 21.32 -21.99 -23.77
CA THR C 158 20.09 -21.40 -23.23
C THR C 158 18.79 -22.09 -23.58
N TRP C 159 17.70 -21.65 -22.93
CA TRP C 159 16.36 -22.30 -23.15
C TRP C 159 16.01 -22.49 -24.58
N SER C 160 15.88 -21.41 -25.27
CA SER C 160 15.50 -21.61 -26.60
C SER C 160 16.48 -22.51 -27.37
N PHE C 161 17.73 -22.54 -26.96
CA PHE C 161 18.63 -23.31 -27.76
C PHE C 161 18.18 -24.72 -27.56
N LYS C 162 18.12 -25.11 -26.27
CA LYS C 162 17.72 -26.48 -25.88
C LYS C 162 16.44 -26.87 -26.50
N GLN C 163 15.43 -25.98 -26.43
CA GLN C 163 14.12 -26.15 -27.00
C GLN C 163 14.18 -26.40 -28.44
N TYR C 164 14.47 -25.38 -29.24
CA TYR C 164 14.63 -25.60 -30.76
C TYR C 164 15.58 -26.74 -31.14
N ILE C 165 16.80 -26.73 -30.64
CA ILE C 165 17.69 -27.73 -31.07
C ILE C 165 16.99 -29.11 -31.02
N TYR C 166 16.45 -29.41 -29.85
CA TYR C 166 15.80 -30.70 -29.74
C TYR C 166 14.80 -30.72 -30.86
N ALA C 167 14.02 -29.65 -31.01
CA ALA C 167 12.95 -29.70 -31.95
C ALA C 167 13.54 -30.09 -33.20
N LEU C 168 14.65 -29.48 -33.46
CA LEU C 168 15.24 -29.70 -34.73
C LEU C 168 15.61 -31.17 -34.80
N GLU C 169 16.12 -31.79 -33.71
CA GLU C 169 16.58 -33.22 -33.76
C GLU C 169 15.54 -34.16 -34.25
N GLN C 170 14.30 -33.73 -34.26
CA GLN C 170 13.28 -34.71 -34.55
C GLN C 170 13.23 -34.89 -36.03
N GLU C 171 13.02 -36.10 -36.55
CA GLU C 171 12.96 -36.24 -37.97
C GLU C 171 11.51 -36.37 -38.41
N ASP C 172 10.65 -36.96 -37.61
CA ASP C 172 9.27 -37.12 -38.02
C ASP C 172 8.65 -35.76 -37.89
N TYR C 173 8.17 -35.20 -38.98
CA TYR C 173 7.54 -33.87 -38.89
C TYR C 173 6.72 -33.64 -37.64
N CYS C 174 5.82 -34.52 -37.36
CA CYS C 174 4.98 -34.29 -36.22
C CYS C 174 5.65 -34.33 -34.87
N ASP C 175 6.73 -35.05 -34.79
CA ASP C 175 7.43 -35.11 -33.56
C ASP C 175 8.02 -33.72 -33.30
N PHE C 176 8.44 -33.15 -34.41
CA PHE C 176 9.15 -31.91 -34.38
C PHE C 176 8.23 -30.85 -33.99
N GLU C 177 7.02 -31.00 -34.43
CA GLU C 177 5.97 -29.96 -34.19
C GLU C 177 5.67 -29.68 -32.78
N VAL C 178 5.06 -30.59 -32.06
CA VAL C 178 4.72 -30.24 -30.71
C VAL C 178 5.84 -29.39 -30.02
N GLN C 179 7.04 -29.91 -30.09
CA GLN C 179 8.18 -29.25 -29.52
C GLN C 179 8.28 -27.93 -30.20
N PHE C 180 8.51 -27.90 -31.52
CA PHE C 180 8.61 -26.60 -32.15
C PHE C 180 7.58 -25.58 -31.71
N GLU C 181 6.35 -26.01 -31.61
CA GLU C 181 5.28 -25.13 -31.20
C GLU C 181 5.38 -24.66 -29.77
N ILE C 182 5.91 -25.50 -28.87
CA ILE C 182 5.92 -25.02 -27.48
C ILE C 182 6.92 -23.87 -27.41
N ALA C 183 8.05 -23.92 -28.11
CA ALA C 183 8.98 -22.78 -28.04
C ALA C 183 8.34 -21.55 -28.58
N HIS C 184 7.43 -21.71 -29.55
CA HIS C 184 6.71 -20.60 -30.09
C HIS C 184 6.29 -19.95 -28.83
N ASN C 185 5.40 -20.54 -28.01
CA ASN C 185 4.80 -19.76 -26.90
C ASN C 185 5.64 -18.89 -26.11
N ALA C 186 6.88 -19.24 -25.94
CA ALA C 186 7.78 -18.54 -24.99
C ALA C 186 7.76 -17.08 -25.03
N ILE C 187 8.10 -16.59 -26.18
CA ILE C 187 8.06 -15.22 -26.48
C ILE C 187 6.65 -14.75 -26.41
N HIS C 188 5.64 -15.54 -26.77
CA HIS C 188 4.25 -14.94 -26.65
C HIS C 188 4.13 -14.36 -25.25
N ALA C 189 4.72 -15.12 -24.33
CA ALA C 189 4.66 -14.81 -22.94
C ALA C 189 5.75 -13.83 -22.53
N TRP C 190 7.01 -14.20 -22.72
CA TRP C 190 8.06 -13.28 -22.34
C TRP C 190 7.86 -11.73 -22.68
N VAL C 191 6.74 -11.36 -23.26
CA VAL C 191 6.62 -9.99 -23.67
C VAL C 191 5.29 -9.49 -23.09
N GLY C 192 4.19 -10.21 -23.38
CA GLY C 192 2.83 -9.90 -22.86
C GLY C 192 2.65 -9.84 -21.32
N GLY C 193 3.49 -10.65 -20.71
CA GLY C 193 3.71 -10.74 -19.31
C GLY C 193 2.40 -10.92 -18.68
N THR C 194 2.23 -10.17 -17.63
CA THR C 194 1.08 -10.36 -16.81
C THR C 194 0.01 -9.45 -17.26
N GLU C 195 0.08 -8.97 -18.49
CA GLU C 195 -0.94 -8.03 -18.93
C GLU C 195 -2.11 -8.57 -19.76
N GLU C 196 -3.25 -7.94 -19.81
CA GLU C 196 -4.24 -8.60 -20.58
C GLU C 196 -3.99 -8.38 -22.06
N TYR C 197 -4.46 -7.26 -22.60
CA TYR C 197 -4.35 -7.09 -24.07
C TYR C 197 -2.89 -7.09 -24.54
N SER C 198 -2.35 -8.24 -24.91
CA SER C 198 -0.93 -8.24 -25.31
C SER C 198 -0.51 -9.50 -26.08
N MET C 199 0.80 -9.74 -26.20
CA MET C 199 1.31 -10.89 -26.95
C MET C 199 1.12 -12.24 -26.24
N GLY C 200 0.84 -12.14 -24.93
CA GLY C 200 0.60 -13.31 -24.11
C GLY C 200 -0.82 -13.74 -24.12
N HIS C 201 -1.57 -13.26 -25.10
CA HIS C 201 -2.99 -13.58 -25.16
C HIS C 201 -3.61 -13.89 -26.60
N LEU C 202 -3.90 -15.18 -26.79
CA LEU C 202 -4.40 -15.67 -28.00
C LEU C 202 -5.23 -14.50 -28.47
N HIS C 203 -6.28 -14.13 -27.76
CA HIS C 203 -7.16 -13.12 -28.30
C HIS C 203 -6.52 -11.81 -28.84
N TYR C 204 -5.28 -11.49 -28.45
CA TYR C 204 -4.76 -10.16 -28.78
C TYR C 204 -3.34 -9.92 -29.34
N ALA C 205 -2.52 -10.94 -29.35
CA ALA C 205 -1.15 -10.75 -29.74
C ALA C 205 -1.21 -10.24 -31.12
N SER C 206 -1.87 -10.93 -31.98
CA SER C 206 -2.00 -10.37 -33.33
C SER C 206 -1.95 -8.82 -33.32
N TYR C 207 -2.69 -8.15 -32.47
CA TYR C 207 -2.67 -6.70 -32.47
C TYR C 207 -1.26 -6.06 -32.34
N ASP C 208 -0.43 -6.61 -31.46
CA ASP C 208 0.90 -6.02 -31.27
C ASP C 208 1.73 -6.19 -32.53
N PRO C 209 2.53 -5.18 -32.82
CA PRO C 209 3.52 -5.27 -33.90
C PRO C 209 4.59 -6.35 -33.76
N VAL C 210 5.17 -6.59 -32.61
CA VAL C 210 6.21 -7.62 -32.62
C VAL C 210 5.80 -9.02 -33.11
N PHE C 211 4.51 -9.29 -33.24
CA PHE C 211 3.98 -10.59 -33.56
C PHE C 211 4.66 -10.95 -34.80
N ILE C 212 4.46 -10.13 -35.81
CA ILE C 212 5.14 -10.43 -37.04
C ILE C 212 6.61 -10.77 -36.86
N LEU C 213 7.33 -9.85 -36.25
CA LEU C 213 8.73 -10.05 -35.97
C LEU C 213 9.09 -11.35 -35.26
N HIS C 214 8.16 -12.03 -34.62
CA HIS C 214 8.57 -13.18 -33.87
C HIS C 214 8.22 -14.33 -34.72
N HIS C 215 6.96 -14.44 -35.11
CA HIS C 215 6.68 -15.58 -35.98
C HIS C 215 7.64 -15.58 -37.19
N SER C 216 8.21 -14.41 -37.46
CA SER C 216 9.06 -14.30 -38.58
C SER C 216 10.22 -15.07 -38.27
N ASN C 217 10.46 -15.25 -37.02
CA ASN C 217 11.66 -15.98 -36.71
C ASN C 217 11.31 -17.39 -36.46
N THR C 218 10.08 -17.64 -36.07
CA THR C 218 9.70 -19.00 -35.77
C THR C 218 9.59 -19.68 -37.04
N ASP C 219 9.14 -18.93 -38.06
CA ASP C 219 8.98 -19.45 -39.41
C ASP C 219 10.29 -19.46 -40.03
N ARG C 220 11.19 -18.76 -39.45
CA ARG C 220 12.51 -18.89 -39.90
C ARG C 220 12.97 -20.18 -39.27
N LEU C 221 12.53 -20.55 -38.08
CA LEU C 221 13.08 -21.82 -37.57
C LEU C 221 12.57 -22.97 -38.33
N PHE C 222 11.33 -22.78 -38.80
CA PHE C 222 10.60 -23.84 -39.41
C PHE C 222 11.40 -24.21 -40.63
N ALA C 223 11.67 -23.16 -41.39
CA ALA C 223 12.52 -23.24 -42.55
C ALA C 223 13.80 -23.98 -42.20
N LEU C 224 14.44 -23.54 -41.12
CA LEU C 224 15.65 -24.14 -40.74
C LEU C 224 15.50 -25.65 -40.66
N TRP C 225 14.30 -26.15 -40.31
CA TRP C 225 14.06 -27.60 -40.17
C TRP C 225 13.90 -28.26 -41.50
N GLN C 226 13.32 -27.55 -42.44
CA GLN C 226 13.17 -28.13 -43.74
C GLN C 226 14.57 -28.37 -44.27
N GLU C 227 15.33 -27.29 -44.37
CA GLU C 227 16.71 -27.29 -44.82
C GLU C 227 17.52 -28.39 -44.17
N LEU C 228 17.36 -28.66 -42.87
CA LEU C 228 18.16 -29.69 -42.24
C LEU C 228 17.65 -31.03 -42.66
N GLN C 229 16.38 -31.09 -42.99
CA GLN C 229 15.79 -32.34 -43.37
C GLN C 229 16.43 -32.70 -44.69
N LYS C 230 16.46 -31.74 -45.62
CA LYS C 230 17.03 -31.90 -46.94
C LYS C 230 18.42 -32.41 -46.80
N PHE C 231 19.19 -31.87 -45.89
CA PHE C 231 20.58 -32.26 -45.72
C PHE C 231 20.70 -33.65 -45.15
N ARG C 232 19.61 -34.09 -44.51
CA ARG C 232 19.60 -35.40 -43.94
C ARG C 232 19.17 -36.46 -44.95
N GLY C 233 18.45 -36.04 -45.99
CA GLY C 233 18.04 -36.97 -47.01
C GLY C 233 16.54 -37.08 -47.09
N HIS C 234 15.79 -36.05 -46.73
CA HIS C 234 14.34 -36.28 -46.71
C HIS C 234 13.77 -35.24 -47.54
N ASP C 235 12.62 -35.44 -48.11
CA ASP C 235 12.13 -34.38 -48.89
C ASP C 235 11.58 -33.38 -47.96
N PRO C 236 12.05 -32.16 -48.00
CA PRO C 236 11.69 -31.14 -47.08
C PRO C 236 10.28 -30.65 -47.24
N ASN C 237 9.60 -31.13 -48.22
CA ASN C 237 8.28 -30.65 -48.24
C ASN C 237 7.43 -31.84 -48.05
N GLU C 238 8.03 -32.96 -47.65
CA GLU C 238 7.25 -34.21 -47.52
C GLU C 238 6.68 -34.34 -46.19
N VAL C 239 5.37 -34.25 -46.06
CA VAL C 239 4.78 -34.50 -44.77
C VAL C 239 3.99 -35.84 -44.77
N ASN C 240 4.47 -36.89 -44.19
CA ASN C 240 3.62 -38.05 -44.24
C ASN C 240 2.80 -38.31 -43.00
N CYS C 241 2.51 -37.24 -42.30
CA CYS C 241 1.92 -37.37 -41.01
C CYS C 241 0.75 -36.46 -40.82
N ALA C 242 -0.36 -36.95 -40.39
CA ALA C 242 -1.42 -36.00 -40.15
C ALA C 242 -2.07 -35.50 -41.42
N LEU C 243 -2.11 -36.43 -42.42
CA LEU C 243 -2.48 -36.17 -43.85
C LEU C 243 -3.92 -35.92 -44.02
N GLU C 244 -4.54 -35.71 -42.83
CA GLU C 244 -5.98 -35.46 -42.76
C GLU C 244 -6.26 -34.00 -42.58
N MET C 245 -5.23 -33.31 -42.08
CA MET C 245 -5.29 -31.87 -41.86
C MET C 245 -4.61 -31.02 -42.99
N MET C 246 -3.53 -31.58 -43.51
CA MET C 246 -2.70 -30.94 -44.45
C MET C 246 -3.63 -30.67 -45.61
N ARG C 247 -4.34 -31.66 -46.15
CA ARG C 247 -5.27 -31.33 -47.24
C ARG C 247 -6.33 -30.22 -46.90
N GLU C 248 -6.92 -30.25 -45.73
CA GLU C 248 -7.88 -29.23 -45.35
C GLU C 248 -7.24 -27.91 -45.29
N PRO C 249 -7.82 -27.05 -46.07
CA PRO C 249 -7.48 -25.66 -46.20
C PRO C 249 -7.01 -25.02 -44.99
N LEU C 250 -7.07 -23.70 -44.94
CA LEU C 250 -6.59 -22.93 -43.84
C LEU C 250 -7.29 -21.57 -43.78
N LYS C 251 -8.37 -21.43 -42.95
CA LYS C 251 -9.21 -20.21 -42.78
C LYS C 251 -8.54 -19.07 -41.99
N PRO C 252 -8.80 -17.76 -42.28
CA PRO C 252 -9.61 -17.29 -43.46
C PRO C 252 -8.80 -17.26 -44.72
N PHE C 253 -7.53 -17.50 -44.58
CA PHE C 253 -6.74 -17.49 -45.77
C PHE C 253 -7.50 -18.06 -46.95
N SER C 254 -8.44 -18.96 -46.69
CA SER C 254 -9.13 -19.67 -47.78
C SER C 254 -10.47 -19.01 -48.20
N PHE C 255 -10.84 -18.07 -47.32
CA PHE C 255 -12.09 -17.28 -47.37
C PHE C 255 -12.17 -16.41 -48.65
N GLY C 256 -10.99 -16.07 -49.21
CA GLY C 256 -10.92 -15.14 -50.34
C GLY C 256 -11.52 -13.75 -50.05
N ALA C 257 -12.11 -13.09 -51.05
CA ALA C 257 -12.74 -11.78 -50.82
C ALA C 257 -14.08 -11.87 -50.17
N PRO C 258 -14.42 -10.80 -49.50
CA PRO C 258 -13.54 -9.67 -49.31
C PRO C 258 -12.92 -9.72 -47.96
N TYR C 259 -12.52 -10.86 -47.46
CA TYR C 259 -11.87 -10.87 -46.16
C TYR C 259 -10.37 -10.96 -46.21
N ASN C 260 -9.89 -11.67 -47.25
CA ASN C 260 -8.49 -11.87 -47.68
C ASN C 260 -8.24 -11.50 -49.17
N LEU C 261 -7.85 -10.25 -49.39
CA LEU C 261 -7.56 -9.76 -50.76
C LEU C 261 -6.17 -10.25 -51.24
N ASN C 262 -5.73 -11.35 -50.67
CA ASN C 262 -4.51 -11.88 -51.18
C ASN C 262 -4.99 -13.02 -52.00
N PRO C 263 -4.21 -13.32 -53.05
CA PRO C 263 -4.42 -14.50 -53.86
C PRO C 263 -3.43 -15.61 -53.52
N THR C 264 -2.17 -15.32 -53.27
CA THR C 264 -1.25 -16.43 -53.01
C THR C 264 -1.67 -17.23 -51.76
N THR C 265 -1.82 -16.55 -50.64
CA THR C 265 -2.28 -17.24 -49.42
C THR C 265 -3.55 -18.02 -49.68
N LYS C 266 -4.46 -17.40 -50.42
CA LYS C 266 -5.72 -17.98 -50.78
C LYS C 266 -5.38 -19.27 -51.53
N GLU C 267 -4.62 -19.20 -52.58
CA GLU C 267 -4.34 -20.38 -53.38
C GLU C 267 -3.55 -21.41 -52.62
N HIS C 268 -2.87 -20.91 -51.62
CA HIS C 268 -2.05 -21.77 -50.83
C HIS C 268 -2.59 -21.97 -49.38
N SER C 269 -3.79 -22.48 -49.30
CA SER C 269 -4.39 -22.64 -48.04
C SER C 269 -4.26 -24.03 -47.44
N LYS C 270 -4.25 -25.05 -48.28
CA LYS C 270 -4.13 -26.42 -47.80
C LYS C 270 -2.66 -26.52 -47.39
N PRO C 271 -2.39 -26.63 -46.14
CA PRO C 271 -0.98 -26.64 -45.70
C PRO C 271 -0.06 -27.51 -46.61
N GLU C 272 -0.60 -28.71 -46.85
CA GLU C 272 0.02 -29.71 -47.73
C GLU C 272 1.08 -29.05 -48.65
N ASP C 273 0.72 -27.84 -49.12
CA ASP C 273 1.45 -27.18 -50.10
C ASP C 273 1.67 -25.84 -49.65
N THR C 274 2.47 -25.80 -48.61
CA THR C 274 2.90 -24.48 -48.13
C THR C 274 4.29 -24.64 -47.51
N PHE C 275 4.69 -25.89 -47.47
CA PHE C 275 6.01 -26.21 -47.02
C PHE C 275 7.04 -25.45 -47.81
N ASP C 276 7.29 -25.83 -49.07
CA ASP C 276 8.32 -25.20 -49.83
C ASP C 276 7.99 -23.77 -50.20
N TYR C 277 8.35 -22.93 -49.26
CA TYR C 277 7.91 -21.54 -49.25
C TYR C 277 8.43 -20.76 -50.39
N LYS C 278 9.74 -20.92 -50.65
CA LYS C 278 10.37 -20.10 -51.68
C LYS C 278 9.62 -20.12 -53.02
N GLY C 279 9.18 -21.31 -53.44
CA GLY C 279 8.35 -21.45 -54.61
C GLY C 279 7.03 -20.73 -54.49
N HIS C 280 6.08 -21.31 -53.81
CA HIS C 280 4.79 -20.66 -53.71
C HIS C 280 4.82 -19.16 -53.14
N PHE C 281 5.75 -18.87 -52.25
CA PHE C 281 5.79 -17.55 -51.66
C PHE C 281 7.23 -17.09 -51.83
N HIS C 282 7.51 -16.28 -52.83
CA HIS C 282 8.92 -15.89 -53.02
C HIS C 282 9.51 -15.02 -51.91
N TYR C 283 10.16 -15.64 -50.94
CA TYR C 283 10.76 -14.84 -49.89
C TYR C 283 11.67 -15.79 -49.29
N GLU C 284 12.70 -15.35 -48.58
CA GLU C 284 13.57 -16.34 -47.96
C GLU C 284 14.37 -15.73 -46.85
N TYR C 285 15.13 -16.54 -46.12
CA TYR C 285 15.96 -15.89 -45.12
C TYR C 285 17.41 -15.65 -45.57
N ASP C 286 17.98 -14.59 -45.10
CA ASP C 286 19.38 -14.44 -45.39
C ASP C 286 20.22 -15.66 -44.84
N HIS C 287 19.88 -16.29 -43.70
CA HIS C 287 20.73 -17.35 -43.24
C HIS C 287 20.02 -18.47 -42.50
N LEU C 288 19.62 -19.48 -43.24
CA LEU C 288 18.88 -20.53 -42.57
C LEU C 288 19.88 -21.13 -41.65
N GLU C 289 20.08 -20.57 -40.48
CA GLU C 289 20.97 -21.23 -39.57
C GLU C 289 20.57 -20.79 -38.17
N LEU C 290 20.88 -21.61 -37.12
CA LEU C 290 20.60 -21.31 -35.69
C LEU C 290 21.84 -20.95 -34.83
N GLN C 291 21.85 -19.68 -34.41
CA GLN C 291 22.90 -19.13 -33.53
C GLN C 291 24.19 -19.50 -34.17
N GLY C 292 24.46 -18.78 -35.27
CA GLY C 292 25.68 -18.96 -36.06
C GLY C 292 26.29 -20.36 -36.24
N MET C 293 25.37 -21.33 -36.43
CA MET C 293 25.76 -22.73 -36.61
C MET C 293 25.23 -23.17 -37.94
N ASN C 294 26.13 -23.46 -38.86
CA ASN C 294 25.84 -23.93 -40.21
C ASN C 294 24.92 -25.15 -40.19
N VAL C 295 24.16 -25.28 -41.26
CA VAL C 295 23.18 -26.37 -41.34
C VAL C 295 23.95 -27.61 -41.15
N GLN C 296 25.18 -27.63 -41.58
CA GLN C 296 25.91 -28.86 -41.29
C GLN C 296 26.47 -28.78 -39.90
N ARG C 297 26.56 -27.59 -39.37
CA ARG C 297 27.11 -27.53 -38.09
C ARG C 297 26.05 -27.98 -37.06
N LEU C 298 24.75 -27.65 -37.32
CA LEU C 298 23.61 -27.97 -36.49
C LEU C 298 23.52 -29.48 -36.45
N HIS C 299 23.47 -30.14 -37.63
CA HIS C 299 23.27 -31.60 -37.74
C HIS C 299 24.30 -32.21 -36.91
N ASP C 300 25.47 -31.83 -37.26
CA ASP C 300 26.56 -32.36 -36.59
C ASP C 300 26.46 -32.19 -35.11
N TYR C 301 25.84 -31.14 -34.61
CA TYR C 301 25.92 -30.93 -33.19
C TYR C 301 24.95 -31.81 -32.61
N ILE C 302 23.96 -32.15 -33.43
CA ILE C 302 22.89 -32.91 -32.88
C ILE C 302 23.31 -34.30 -32.60
N ASN C 303 24.03 -34.89 -33.50
CA ASN C 303 24.49 -36.22 -33.41
C ASN C 303 25.51 -36.35 -32.37
N GLN C 304 25.86 -35.23 -31.76
CA GLN C 304 26.86 -35.34 -30.71
C GLN C 304 26.09 -35.27 -29.42
N GLN C 305 24.88 -34.86 -29.55
CA GLN C 305 24.07 -34.84 -28.42
C GLN C 305 23.63 -36.24 -28.22
N LYS C 306 23.44 -36.99 -29.30
CA LYS C 306 22.98 -38.37 -29.26
C LYS C 306 24.05 -39.34 -28.70
N GLU C 307 25.27 -38.86 -28.65
CA GLU C 307 26.40 -39.65 -28.15
C GLU C 307 26.27 -40.11 -26.70
N ALA C 308 25.15 -39.92 -26.04
CA ALA C 308 25.06 -40.35 -24.66
C ALA C 308 23.67 -40.51 -24.06
N ASP C 309 23.58 -41.19 -22.94
CA ASP C 309 22.27 -41.39 -22.28
C ASP C 309 21.64 -40.11 -21.88
N ARG C 310 20.34 -39.93 -22.15
CA ARG C 310 19.59 -38.72 -21.82
C ARG C 310 18.27 -38.99 -21.06
N VAL C 311 17.65 -38.04 -20.42
CA VAL C 311 16.49 -38.41 -19.65
C VAL C 311 15.44 -37.34 -19.80
N PHE C 312 14.25 -37.65 -20.25
CA PHE C 312 13.27 -36.62 -20.47
C PHE C 312 12.00 -36.85 -19.68
N ALA C 313 11.17 -35.84 -19.51
CA ALA C 313 9.89 -35.97 -18.86
C ALA C 313 8.86 -35.75 -19.97
N GLY C 314 7.73 -36.49 -20.00
CA GLY C 314 6.81 -36.33 -21.16
C GLY C 314 5.64 -35.49 -20.89
N PHE C 315 5.27 -34.54 -21.69
CA PHE C 315 4.08 -33.91 -21.24
C PHE C 315 2.79 -34.16 -22.14
N LEU C 316 1.66 -34.61 -21.58
CA LEU C 316 0.50 -34.80 -22.40
C LEU C 316 -0.26 -33.50 -22.43
N LEU C 317 0.03 -32.55 -23.30
CA LEU C 317 -0.69 -31.28 -23.22
C LEU C 317 -2.10 -31.30 -23.74
N GLU C 318 -3.09 -30.98 -22.96
CA GLU C 318 -4.47 -31.03 -23.53
C GLU C 318 -4.83 -29.64 -23.57
N GLY C 319 -4.05 -28.84 -22.89
CA GLY C 319 -4.37 -27.46 -22.82
C GLY C 319 -5.77 -26.87 -23.14
N ILE C 320 -6.33 -26.22 -22.13
CA ILE C 320 -7.37 -25.38 -22.48
C ILE C 320 -7.43 -24.32 -21.40
N GLY C 321 -8.17 -23.23 -21.77
CA GLY C 321 -8.58 -22.10 -20.96
C GLY C 321 -7.77 -20.98 -21.47
N THR C 322 -7.46 -20.00 -20.66
CA THR C 322 -6.48 -18.97 -21.03
C THR C 322 -5.15 -19.64 -21.03
N SER C 323 -4.23 -19.01 -21.71
CA SER C 323 -2.84 -19.43 -21.75
C SER C 323 -2.22 -19.48 -20.32
N ALA C 324 -1.31 -20.37 -20.06
CA ALA C 324 -0.87 -20.46 -18.70
C ALA C 324 0.51 -20.81 -18.70
N HIS C 325 1.30 -20.63 -17.64
CA HIS C 325 2.62 -21.21 -17.77
C HIS C 325 2.89 -22.20 -16.71
N LEU C 326 3.71 -23.23 -17.02
CA LEU C 326 4.08 -24.20 -15.98
C LEU C 326 5.55 -24.53 -15.60
N ASP C 327 5.83 -24.65 -14.30
CA ASP C 327 7.14 -25.08 -13.83
C ASP C 327 7.07 -26.54 -13.36
N PHE C 328 8.17 -27.26 -13.43
CA PHE C 328 8.18 -28.58 -12.97
C PHE C 328 9.55 -28.82 -12.36
N SER C 329 9.60 -29.65 -11.34
CA SER C 329 10.89 -29.92 -10.65
C SER C 329 11.07 -31.34 -10.21
N ILE C 330 12.30 -31.78 -10.08
CA ILE C 330 12.57 -33.13 -9.80
C ILE C 330 12.68 -33.31 -8.33
N CYS C 331 11.60 -33.63 -7.62
CA CYS C 331 11.69 -33.97 -6.20
C CYS C 331 12.33 -35.30 -5.88
N ALA C 332 13.34 -35.29 -5.00
CA ALA C 332 14.02 -36.52 -4.49
C ALA C 332 13.22 -37.21 -3.40
N ILE C 333 13.54 -38.46 -3.15
CA ILE C 333 12.77 -39.26 -2.18
C ILE C 333 12.37 -38.61 -0.80
N ASP C 334 13.30 -38.06 -0.03
CA ASP C 334 12.87 -37.37 1.15
C ASP C 334 12.32 -35.96 0.82
N GLY C 335 12.30 -35.62 -0.47
CA GLY C 335 11.70 -34.36 -0.91
C GLY C 335 12.70 -33.26 -1.23
N GLU C 336 13.70 -33.62 -2.03
CA GLU C 336 14.67 -32.61 -2.38
C GLU C 336 14.48 -32.38 -3.81
N CYS C 337 13.74 -31.32 -4.10
CA CYS C 337 13.52 -30.87 -5.48
C CYS C 337 14.48 -29.87 -6.11
N THR C 338 14.50 -29.78 -7.39
CA THR C 338 15.40 -28.85 -8.03
C THR C 338 14.64 -28.33 -9.27
N HIS C 339 14.65 -27.03 -9.57
CA HIS C 339 13.87 -26.56 -10.67
C HIS C 339 14.43 -27.25 -11.83
N ALA C 340 13.58 -27.94 -12.58
CA ALA C 340 14.10 -28.75 -13.60
C ALA C 340 13.91 -28.13 -14.96
N GLY C 341 12.83 -27.35 -15.17
CA GLY C 341 12.50 -26.75 -16.47
C GLY C 341 11.11 -26.16 -16.56
N TYR C 342 10.76 -25.46 -17.63
CA TYR C 342 9.40 -24.95 -17.67
C TYR C 342 9.01 -24.70 -19.08
N PHE C 343 7.74 -24.38 -19.33
CA PHE C 343 7.22 -24.16 -20.64
C PHE C 343 5.92 -23.45 -20.54
N ASP C 344 5.31 -22.94 -21.60
CA ASP C 344 4.04 -22.23 -21.39
C ASP C 344 3.17 -22.48 -22.58
N VAL C 345 1.85 -22.42 -22.43
CA VAL C 345 0.95 -22.65 -23.52
C VAL C 345 0.20 -21.37 -23.87
N LEU C 346 0.03 -21.03 -25.12
CA LEU C 346 -0.68 -19.78 -25.41
C LEU C 346 -2.07 -20.20 -25.53
N GLY C 347 -2.96 -19.31 -25.20
CA GLY C 347 -4.40 -19.55 -25.29
C GLY C 347 -5.49 -18.51 -24.76
N GLY C 348 -6.77 -18.86 -24.99
CA GLY C 348 -7.82 -18.01 -24.51
C GLY C 348 -9.22 -18.60 -24.39
N SER C 349 -10.26 -17.83 -24.74
CA SER C 349 -11.56 -18.44 -24.70
C SER C 349 -11.71 -19.08 -25.99
N LEU C 350 -11.89 -18.25 -26.98
CA LEU C 350 -12.23 -18.78 -28.29
C LEU C 350 -11.27 -19.79 -28.88
N GLU C 351 -10.19 -20.09 -28.21
CA GLU C 351 -9.42 -21.17 -28.77
C GLU C 351 -10.23 -22.40 -29.19
N THR C 352 -9.79 -23.06 -30.22
CA THR C 352 -10.47 -24.23 -30.63
C THR C 352 -9.81 -25.49 -30.04
N PRO C 353 -10.59 -26.16 -29.24
CA PRO C 353 -10.19 -27.36 -28.53
C PRO C 353 -8.97 -28.04 -29.07
N TRP C 354 -8.07 -28.51 -28.20
CA TRP C 354 -6.90 -29.18 -28.72
C TRP C 354 -6.15 -30.03 -27.79
N GLN C 355 -5.67 -31.16 -28.27
CA GLN C 355 -4.95 -32.10 -27.44
C GLN C 355 -3.91 -32.77 -28.37
N PHE C 356 -2.67 -32.63 -27.99
CA PHE C 356 -1.58 -33.18 -28.73
C PHE C 356 -1.74 -34.73 -28.89
N ASP C 357 -1.48 -35.33 -30.05
CA ASP C 357 -1.56 -36.76 -30.17
C ASP C 357 -0.29 -37.31 -29.78
N ARG C 358 0.33 -36.76 -28.81
CA ARG C 358 1.59 -37.31 -28.41
C ARG C 358 2.32 -36.53 -27.36
N LEU C 359 3.37 -37.06 -26.80
CA LEU C 359 3.98 -36.43 -25.67
C LEU C 359 4.89 -35.36 -26.11
N TYR C 360 5.05 -34.40 -25.19
CA TYR C 360 6.05 -33.29 -25.28
C TYR C 360 7.25 -33.60 -24.48
N LYS C 361 8.30 -34.07 -25.09
CA LYS C 361 9.47 -34.49 -24.32
C LYS C 361 10.29 -33.20 -24.00
N TYR C 362 11.17 -33.28 -23.00
CA TYR C 362 11.86 -32.21 -22.37
C TYR C 362 12.95 -32.85 -21.54
N GLU C 363 14.16 -32.82 -22.06
CA GLU C 363 15.40 -33.33 -21.42
C GLU C 363 15.53 -32.92 -19.95
N ILE C 364 16.07 -33.75 -19.07
CA ILE C 364 16.35 -33.38 -17.66
C ILE C 364 17.61 -34.02 -17.24
N THR C 365 18.38 -34.50 -18.20
CA THR C 365 19.62 -35.19 -17.88
C THR C 365 20.53 -34.43 -16.96
N ASP C 366 20.64 -33.14 -17.22
CA ASP C 366 21.56 -32.32 -16.48
C ASP C 366 21.23 -32.12 -14.99
N VAL C 367 20.08 -31.52 -14.76
CA VAL C 367 19.58 -31.37 -13.43
C VAL C 367 19.75 -32.64 -12.65
N LEU C 368 19.56 -33.78 -13.32
CA LEU C 368 19.75 -35.15 -12.76
C LEU C 368 21.23 -35.55 -12.38
N GLU C 369 22.14 -35.34 -13.31
CA GLU C 369 23.54 -35.59 -13.02
C GLU C 369 24.03 -34.71 -11.89
N SER C 370 23.53 -33.48 -11.90
CA SER C 370 23.93 -32.51 -10.91
C SER C 370 23.61 -33.02 -9.60
N LYS C 371 22.35 -33.39 -9.45
CA LYS C 371 21.89 -33.86 -8.17
C LYS C 371 22.34 -35.28 -7.86
N GLY C 372 23.35 -35.78 -8.55
CA GLY C 372 23.77 -37.16 -8.39
C GLY C 372 22.58 -38.13 -8.50
N LEU C 373 21.75 -38.09 -9.58
CA LEU C 373 20.58 -38.98 -9.77
C LEU C 373 20.65 -39.64 -11.12
N ASP C 374 20.24 -40.88 -11.23
CA ASP C 374 20.32 -41.51 -12.51
C ASP C 374 18.92 -41.97 -12.90
N VAL C 375 18.69 -42.46 -14.15
CA VAL C 375 17.43 -43.17 -14.54
C VAL C 375 17.11 -44.52 -13.70
N HIS C 376 18.13 -44.98 -12.93
CA HIS C 376 17.96 -46.08 -12.00
C HIS C 376 17.60 -45.51 -10.61
N ASP C 377 16.84 -44.45 -10.48
CA ASP C 377 16.61 -44.06 -9.11
C ASP C 377 15.27 -43.63 -8.84
N VAL C 378 14.94 -43.43 -7.58
CA VAL C 378 13.64 -43.09 -7.20
C VAL C 378 13.57 -41.57 -7.19
N PHE C 379 12.99 -40.96 -8.21
CA PHE C 379 12.72 -39.55 -8.12
C PHE C 379 11.41 -39.19 -8.75
N ASP C 380 10.60 -38.42 -8.04
CA ASP C 380 9.30 -38.05 -8.54
C ASP C 380 9.25 -36.60 -9.20
N ILE C 381 8.40 -36.36 -10.20
CA ILE C 381 8.36 -35.07 -10.88
C ILE C 381 7.20 -34.32 -10.41
N LYS C 382 7.39 -33.02 -10.20
CA LYS C 382 6.32 -32.23 -9.68
C LYS C 382 6.10 -30.97 -10.44
N ILE C 383 4.83 -30.65 -10.73
CA ILE C 383 4.42 -29.50 -11.52
C ILE C 383 3.50 -28.52 -10.76
N THR C 384 3.29 -27.34 -11.37
CA THR C 384 2.44 -26.22 -10.96
C THR C 384 2.12 -25.31 -12.16
N GLN C 385 1.07 -25.53 -12.96
CA GLN C 385 0.63 -24.54 -13.98
C GLN C 385 0.27 -23.30 -13.18
N THR C 386 0.26 -22.20 -13.88
CA THR C 386 -0.02 -20.86 -13.31
C THR C 386 -0.49 -19.98 -14.47
N SER C 387 -1.62 -19.33 -14.27
CA SER C 387 -2.24 -18.49 -15.29
C SER C 387 -1.38 -17.32 -15.79
N TRP C 388 -1.92 -16.49 -16.61
CA TRP C 388 -1.11 -15.41 -17.07
C TRP C 388 -1.22 -14.44 -15.97
N ASP C 389 -1.84 -14.84 -14.90
CA ASP C 389 -1.91 -13.92 -13.76
C ASP C 389 -1.90 -14.72 -12.44
N ASN C 390 -1.04 -14.32 -11.51
CA ASN C 390 -0.98 -14.99 -10.25
C ASN C 390 -2.36 -15.70 -9.88
N GLU C 391 -2.62 -16.88 -10.46
CA GLU C 391 -3.80 -17.64 -10.08
C GLU C 391 -3.40 -19.13 -10.04
N ASP C 392 -2.87 -19.64 -8.95
CA ASP C 392 -2.43 -21.03 -9.05
C ASP C 392 -3.49 -21.92 -9.78
N ILE C 393 -3.11 -22.70 -10.82
CA ILE C 393 -4.00 -23.60 -11.56
C ILE C 393 -3.91 -25.07 -10.93
N SER C 394 -5.03 -25.63 -10.44
CA SER C 394 -5.04 -27.01 -9.92
C SER C 394 -4.37 -27.98 -10.90
N THR C 395 -3.30 -28.65 -10.48
CA THR C 395 -2.61 -29.62 -11.36
C THR C 395 -3.24 -30.97 -11.06
N ASP C 396 -4.58 -31.04 -10.90
CA ASP C 396 -5.20 -32.31 -10.54
C ASP C 396 -5.38 -33.33 -11.66
N ARG C 397 -6.53 -33.30 -12.28
CA ARG C 397 -6.85 -34.26 -13.34
C ARG C 397 -5.71 -34.30 -14.43
N PHE C 398 -4.86 -33.25 -14.46
CA PHE C 398 -3.73 -33.12 -15.40
C PHE C 398 -2.79 -34.34 -15.34
N PRO C 399 -2.68 -35.11 -16.40
CA PRO C 399 -1.99 -36.39 -16.40
C PRO C 399 -0.63 -36.18 -16.05
N PRO C 400 -0.18 -36.96 -15.11
CA PRO C 400 1.17 -36.94 -14.64
C PRO C 400 2.03 -37.27 -15.75
N PRO C 401 3.22 -36.71 -15.75
CA PRO C 401 4.25 -36.86 -16.75
C PRO C 401 5.01 -38.19 -16.78
N SER C 402 5.49 -38.67 -17.91
CA SER C 402 6.27 -39.92 -17.88
C SER C 402 7.67 -39.53 -17.68
N VAL C 403 8.56 -40.49 -17.63
CA VAL C 403 9.99 -40.13 -17.45
C VAL C 403 10.81 -41.02 -18.36
N ILE C 404 10.86 -40.59 -19.58
CA ILE C 404 11.55 -41.28 -20.57
C ILE C 404 12.97 -41.32 -20.36
N TYR C 405 13.61 -42.22 -21.06
CA TYR C 405 15.03 -42.58 -20.98
C TYR C 405 15.46 -42.91 -22.41
N VAL C 406 16.53 -42.19 -22.82
CA VAL C 406 17.08 -42.29 -24.12
C VAL C 406 18.52 -42.56 -23.94
N PRO C 407 18.82 -43.84 -23.88
CA PRO C 407 20.18 -44.33 -23.74
C PRO C 407 21.17 -43.93 -24.84
N LYS C 408 21.92 -44.94 -25.28
CA LYS C 408 23.05 -44.76 -26.17
C LYS C 408 23.72 -43.49 -25.69
C1 NAG D . -18.10 49.27 32.02
C2 NAG D . -17.97 50.76 32.46
C3 NAG D . -19.13 51.74 31.97
C4 NAG D . -19.64 51.41 30.52
C5 NAG D . -19.78 49.88 30.31
C6 NAG D . -20.28 49.59 28.86
C7 NAG D . -16.91 51.56 34.49
C8 NAG D . -17.37 52.93 35.05
N2 NAG D . -17.83 50.72 33.92
O1 NAG D . -16.81 48.67 32.27
O3 NAG D . -18.88 53.15 32.13
O4 NAG D . -20.91 52.01 30.24
O5 NAG D . -18.53 49.18 30.63
O6 NAG D . -21.50 50.24 28.53
O7 NAG D . -15.69 51.23 34.54
CU CU E . -13.19 23.63 16.94
CU CU F . -14.00 26.44 16.65
CU CU G . 45.19 7.19 19.93
CU CU H . 11.09 -11.80 9.16
CU CU I . 11.34 -10.54 11.40
CU CU J . 37.72 -23.57 19.20
C1 NAG K . 9.06 15.57 -29.25
C2 NAG K . 7.98 15.39 -30.35
C3 NAG K . 8.37 14.42 -31.50
C4 NAG K . 9.82 14.57 -31.91
C5 NAG K . 10.71 14.69 -30.67
C6 NAG K . 12.19 14.84 -31.03
C7 NAG K . 5.68 16.03 -29.94
C8 NAG K . 5.46 16.92 -28.67
N2 NAG K . 6.66 15.06 -29.78
O1 NAG K . 8.82 16.67 -28.29
O3 NAG K . 7.66 14.62 -32.73
O4 NAG K . 10.16 13.38 -32.65
O5 NAG K . 10.30 15.82 -29.91
O6 NAG K . 12.32 15.96 -31.93
O7 NAG K . 5.00 16.22 -31.07
C1 NAG L . 10.28 19.50 -27.19
C2 NAG L . 11.79 19.32 -27.47
C3 NAG L . 12.15 20.61 -26.70
C4 NAG L . 11.51 21.83 -27.40
C5 NAG L . 9.99 21.66 -27.79
C6 NAG L . 9.30 22.88 -28.53
C7 NAG L . 12.54 16.82 -27.45
C8 NAG L . 11.62 15.63 -27.03
N2 NAG L . 12.37 18.09 -26.88
O1 NAG L . 9.41 18.54 -26.48
O3 NAG L . 13.53 20.86 -26.63
O4 NAG L . 11.62 22.91 -26.51
O5 NAG L . 9.76 20.29 -28.30
O6 NAG L . 7.94 23.11 -28.06
O7 NAG L . 13.48 16.60 -28.27
CU CU M . -0.80 -18.00 -32.99
CU CU N . 1.58 -17.66 -32.19
CU CU O . 17.09 -15.46 -58.61
#